data_8G8D
#
_entry.id   8G8D
#
_cell.length_a   41.069
_cell.length_b   115.513
_cell.length_c   231.322
_cell.angle_alpha   90.00
_cell.angle_beta   90.00
_cell.angle_gamma   90.00
#
_symmetry.space_group_name_H-M   'P 21 21 21'
#
loop_
_entity.id
_entity.type
_entity.pdbx_description
1 polymer 'DH1346 heavy chain'
2 polymer 'DH1346 light chain'
3 polymer 'gp41 MPER peptide'
4 non-polymer 'SODIUM ION'
5 non-polymer 'FLUORIDE ION'
6 water water
#
loop_
_entity_poly.entity_id
_entity_poly.type
_entity_poly.pdbx_seq_one_letter_code
_entity_poly.pdbx_strand_id
1 'polypeptide(L)'
;QVQLVQSGSELKKPGASVKVSCKASGYTFNNYAMNWVRQAPGQGLEWMGWINTNTGNPTYGQGFTGRFVFSLDTSVSTAY
LQISSLKTEDTAVYYCARFRVAPAAQRGYFYYYMDVWGKGTTVTVSSASTKGPSVFPLAPSSKSTSGGTAALGCLVKDYF
PEPVTVSWNSGALTSGVHTFPAVLQSSGLYSLSSVVTVPSSSLGTQTYICNVNHKPSNTKVDKKVEPKSC
;
H,A
2 'polypeptide(L)'
;SSELTQDPTVSVALGQTVTITCQGDSLRWYSASWYQQKPGQTPVLLIYNKDNRPSGIPDRFSGSSSENTASLTITGAQAE
DEADYYCHSRDNNVFPNWVFGGGTKLTVLGQPKAAPSVTLFPPSSEELQANKATLVCLISDFYPGAVTVAWKADSSPVKA
GVETTTPSKQSNNKYAASSYLSLTPEQWKSHRSYSCQVTHEGSTVEKTVAPTECS
;
L,B
3 'polypeptide(L)' KKKNEQELLELDKWASLWNWFDITNWLWYIRKKK P,C
#
loop_
_chem_comp.id
_chem_comp.type
_chem_comp.name
_chem_comp.formula
F non-polymer 'FLUORIDE ION' 'F -1'
NA non-polymer 'SODIUM ION' 'Na 1'
#
# COMPACT_ATOMS: atom_id res chain seq x y z
N GLN A 1 -23.34 -8.12 22.58
CA GLN A 1 -23.05 -7.49 21.25
C GLN A 1 -23.87 -8.17 20.15
N VAL A 2 -25.09 -7.70 19.96
CA VAL A 2 -25.96 -8.20 18.90
C VAL A 2 -25.61 -7.47 17.61
N GLN A 3 -25.21 -8.22 16.59
CA GLN A 3 -24.77 -7.59 15.35
C GLN A 3 -24.91 -8.54 14.18
N LEU A 4 -24.89 -7.97 12.98
CA LEU A 4 -24.84 -8.69 11.72
C LEU A 4 -23.58 -8.24 10.98
N VAL A 5 -22.74 -9.20 10.60
CA VAL A 5 -21.48 -8.91 9.91
C VAL A 5 -21.59 -9.45 8.49
N GLN A 6 -21.41 -8.59 7.49
CA GLN A 6 -21.57 -8.94 6.09
C GLN A 6 -20.22 -9.08 5.41
N SER A 7 -20.20 -9.86 4.34
CA SER A 7 -19.00 -10.09 3.55
C SER A 7 -18.55 -8.81 2.83
N GLY A 8 -17.33 -8.88 2.28
CA GLY A 8 -16.69 -7.73 1.68
C GLY A 8 -17.16 -7.42 0.26
N SER A 9 -16.74 -6.24 -0.20
CA SER A 9 -17.16 -5.73 -1.50
C SER A 9 -16.67 -6.65 -2.63
N GLU A 10 -17.34 -6.57 -3.78
CA GLU A 10 -17.03 -7.50 -4.86
C GLU A 10 -17.33 -6.89 -6.23
N LEU A 11 -16.53 -7.32 -7.21
CA LEU A 11 -16.70 -6.96 -8.61
C LEU A 11 -16.93 -8.23 -9.42
N LYS A 12 -17.95 -8.22 -10.28
CA LYS A 12 -18.27 -9.36 -11.12
C LYS A 12 -18.54 -8.91 -12.55
N LYS A 13 -18.34 -9.82 -13.49
CA LYS A 13 -18.64 -9.53 -14.88
C LYS A 13 -20.11 -9.87 -15.18
N PRO A 14 -20.72 -9.23 -16.18
CA PRO A 14 -22.09 -9.60 -16.54
C PRO A 14 -22.17 -11.09 -16.86
N GLY A 15 -23.25 -11.72 -16.39
CA GLY A 15 -23.45 -13.14 -16.59
C GLY A 15 -22.91 -14.03 -15.48
N ALA A 16 -22.05 -13.50 -14.62
CA ALA A 16 -21.48 -14.30 -13.55
C ALA A 16 -22.48 -14.41 -12.40
N SER A 17 -22.06 -15.06 -11.31
CA SER A 17 -22.86 -15.17 -10.11
C SER A 17 -22.06 -14.69 -8.91
N VAL A 18 -22.76 -14.27 -7.86
CA VAL A 18 -22.12 -13.81 -6.65
C VAL A 18 -22.88 -14.37 -5.46
N LYS A 19 -22.16 -14.58 -4.35
CA LYS A 19 -22.76 -15.06 -3.11
C LYS A 19 -22.27 -14.16 -1.99
N VAL A 20 -23.21 -13.47 -1.33
CA VAL A 20 -22.93 -12.57 -0.23
C VAL A 20 -23.38 -13.25 1.06
N SER A 21 -22.63 -13.00 2.14
CA SER A 21 -22.88 -13.64 3.42
C SER A 21 -23.22 -12.65 4.51
N CYS A 22 -23.97 -13.13 5.51
CA CYS A 22 -24.46 -12.30 6.60
C CYS A 22 -24.46 -13.15 7.86
N LYS A 23 -23.49 -12.93 8.75
CA LYS A 23 -23.32 -13.73 9.94
C LYS A 23 -23.88 -13.01 11.16
N ALA A 24 -24.70 -13.70 11.93
CA ALA A 24 -25.34 -13.14 13.12
C ALA A 24 -24.51 -13.48 14.36
N SER A 25 -24.47 -12.54 15.30
CA SER A 25 -23.76 -12.70 16.55
C SER A 25 -24.55 -12.08 17.68
N GLY A 26 -24.45 -12.68 18.86
CA GLY A 26 -25.07 -12.15 20.05
C GLY A 26 -26.48 -12.62 20.34
N TYR A 27 -27.05 -13.46 19.48
CA TYR A 27 -28.40 -14.00 19.70
C TYR A 27 -28.51 -15.32 18.96
N THR A 28 -29.62 -16.02 19.18
CA THR A 28 -29.84 -17.32 18.56
C THR A 28 -30.37 -17.11 17.14
N PHE A 29 -29.56 -17.51 16.16
CA PHE A 29 -29.81 -17.20 14.76
C PHE A 29 -31.21 -17.64 14.32
N ASN A 30 -31.60 -18.87 14.66
CA ASN A 30 -32.82 -19.43 14.12
C ASN A 30 -34.09 -18.98 14.85
N ASN A 31 -33.98 -18.04 15.79
CA ASN A 31 -35.15 -17.53 16.49
C ASN A 31 -35.84 -16.39 15.77
N TYR A 32 -35.20 -15.78 14.78
CA TYR A 32 -35.74 -14.61 14.11
C TYR A 32 -35.53 -14.73 12.61
N ALA A 33 -36.47 -14.16 11.84
CA ALA A 33 -36.32 -14.14 10.40
C ALA A 33 -35.20 -13.17 10.01
N MET A 34 -34.71 -13.35 8.78
CA MET A 34 -33.75 -12.45 8.16
C MET A 34 -34.31 -11.96 6.84
N ASN A 35 -34.04 -10.71 6.50
CA ASN A 35 -34.48 -10.17 5.22
C ASN A 35 -33.31 -9.47 4.53
N TRP A 36 -33.49 -9.24 3.23
CA TRP A 36 -32.49 -8.58 2.39
C TRP A 36 -33.09 -7.33 1.77
N VAL A 37 -32.24 -6.32 1.61
CA VAL A 37 -32.64 -5.01 1.10
C VAL A 37 -31.60 -4.57 0.07
N ARG A 38 -32.05 -4.06 -1.06
CA ARG A 38 -31.16 -3.56 -2.10
C ARG A 38 -31.23 -2.03 -2.15
N GLN A 39 -30.08 -1.40 -2.36
CA GLN A 39 -30.03 0.06 -2.56
C GLN A 39 -29.06 0.35 -3.71
N ALA A 40 -29.63 0.66 -4.88
CA ALA A 40 -28.85 1.00 -6.06
C ALA A 40 -28.34 2.43 -5.99
N PRO A 41 -27.37 2.78 -6.83
CA PRO A 41 -26.78 4.13 -6.74
C PRO A 41 -27.81 5.24 -6.90
N GLY A 42 -27.85 6.13 -5.92
CA GLY A 42 -28.75 7.27 -5.96
C GLY A 42 -30.20 6.94 -5.79
N GLN A 43 -30.53 5.74 -5.33
CA GLN A 43 -31.91 5.29 -5.25
C GLN A 43 -32.25 4.91 -3.81
N GLY A 44 -33.51 4.56 -3.62
CA GLY A 44 -34.02 4.24 -2.30
C GLY A 44 -33.87 2.78 -1.96
N LEU A 45 -34.35 2.44 -0.76
CA LEU A 45 -34.30 1.07 -0.27
C LEU A 45 -35.37 0.22 -0.94
N GLU A 46 -35.00 -1.02 -1.28
CA GLU A 46 -35.90 -1.94 -1.94
C GLU A 46 -35.97 -3.26 -1.18
N TRP A 47 -37.18 -3.71 -0.89
CA TRP A 47 -37.39 -5.00 -0.23
C TRP A 47 -37.12 -6.15 -1.19
N MET A 48 -36.22 -7.04 -0.81
CA MET A 48 -35.92 -8.19 -1.64
C MET A 48 -36.65 -9.46 -1.22
N GLY A 49 -36.99 -9.58 0.06
CA GLY A 49 -37.62 -10.79 0.57
C GLY A 49 -37.00 -11.22 1.89
N TRP A 50 -37.52 -12.29 2.48
CA TRP A 50 -37.05 -12.77 3.78
C TRP A 50 -36.88 -14.28 3.72
N ILE A 51 -36.18 -14.82 4.71
CA ILE A 51 -35.97 -16.24 4.83
C ILE A 51 -36.30 -16.67 6.25
N ASN A 52 -37.00 -17.80 6.37
CA ASN A 52 -37.28 -18.41 7.65
C ASN A 52 -36.01 -19.11 8.13
N THR A 53 -35.40 -18.59 9.19
CA THR A 53 -34.15 -19.15 9.68
C THR A 53 -34.36 -20.43 10.48
N ASN A 54 -35.60 -20.80 10.79
CA ASN A 54 -35.90 -22.06 11.45
C ASN A 54 -36.10 -23.21 10.46
N THR A 55 -36.59 -22.91 9.26
CA THR A 55 -36.86 -23.93 8.25
C THR A 55 -36.01 -23.80 6.99
N GLY A 56 -35.45 -22.62 6.70
CA GLY A 56 -34.76 -22.39 5.47
C GLY A 56 -35.64 -21.99 4.31
N ASN A 57 -36.92 -21.80 4.51
CA ASN A 57 -37.81 -21.46 3.41
C ASN A 57 -37.68 -19.99 3.04
N PRO A 58 -37.41 -19.67 1.77
CA PRO A 58 -37.35 -18.27 1.35
C PRO A 58 -38.68 -17.76 0.80
N THR A 59 -38.91 -16.46 0.98
CA THR A 59 -40.08 -15.77 0.42
C THR A 59 -39.55 -14.54 -0.31
N TYR A 60 -39.54 -14.60 -1.63
CA TYR A 60 -38.96 -13.54 -2.45
C TYR A 60 -39.95 -12.41 -2.69
N GLY A 61 -39.45 -11.18 -2.59
CA GLY A 61 -40.28 -10.03 -2.88
C GLY A 61 -40.59 -9.92 -4.36
N GLN A 62 -41.62 -9.15 -4.66
CA GLN A 62 -41.98 -8.89 -6.04
C GLN A 62 -40.81 -8.25 -6.77
N GLY A 63 -40.46 -8.81 -7.93
CA GLY A 63 -39.35 -8.28 -8.69
C GLY A 63 -38.01 -8.93 -8.42
N PHE A 64 -37.94 -9.88 -7.49
CA PHE A 64 -36.70 -10.58 -7.16
C PHE A 64 -36.88 -12.08 -7.30
N THR A 65 -37.53 -12.49 -8.38
CA THR A 65 -37.75 -13.90 -8.69
C THR A 65 -36.72 -14.39 -9.69
N GLY A 66 -36.46 -15.68 -9.65
CA GLY A 66 -35.55 -16.33 -10.60
C GLY A 66 -34.12 -16.33 -10.13
N ARG A 67 -33.42 -15.21 -10.34
CA ARG A 67 -31.97 -15.18 -10.22
C ARG A 67 -31.47 -14.99 -8.79
N PHE A 68 -32.37 -14.80 -7.83
CA PHE A 68 -32.00 -14.52 -6.44
C PHE A 68 -32.36 -15.74 -5.62
N VAL A 69 -31.42 -16.21 -4.81
CA VAL A 69 -31.61 -17.38 -3.97
C VAL A 69 -31.15 -17.05 -2.56
N PHE A 70 -32.06 -17.20 -1.59
CA PHE A 70 -31.71 -17.10 -0.18
C PHE A 70 -31.42 -18.50 0.38
N SER A 71 -30.37 -18.62 1.17
CA SER A 71 -30.05 -19.88 1.84
C SER A 71 -29.42 -19.55 3.20
N LEU A 72 -29.14 -20.60 3.98
CA LEU A 72 -28.57 -20.41 5.31
C LEU A 72 -27.60 -21.55 5.61
N ASP A 73 -26.69 -21.28 6.56
CA ASP A 73 -25.86 -22.30 7.20
C ASP A 73 -26.03 -22.06 8.69
N THR A 74 -27.03 -22.71 9.30
CA THR A 74 -27.34 -22.46 10.70
C THR A 74 -26.20 -22.88 11.62
N SER A 75 -25.41 -23.88 11.22
CA SER A 75 -24.31 -24.32 12.06
C SER A 75 -23.32 -23.19 12.34
N VAL A 76 -23.27 -22.18 11.47
CA VAL A 76 -22.41 -21.02 11.67
C VAL A 76 -23.22 -19.72 11.67
N SER A 77 -24.51 -19.81 11.94
CA SER A 77 -25.37 -18.65 12.17
C SER A 77 -25.27 -17.65 11.02
N THR A 78 -25.27 -18.16 9.79
CA THR A 78 -25.04 -17.32 8.61
C THR A 78 -26.13 -17.53 7.57
N ALA A 79 -26.60 -16.42 7.01
CA ALA A 79 -27.53 -16.39 5.89
C ALA A 79 -26.81 -15.92 4.64
N TYR A 80 -27.22 -16.47 3.49
CA TYR A 80 -26.57 -16.18 2.23
C TYR A 80 -27.55 -15.64 1.21
N LEU A 81 -27.04 -14.77 0.34
CA LEU A 81 -27.75 -14.25 -0.83
C LEU A 81 -26.91 -14.58 -2.06
N GLN A 82 -27.49 -15.32 -3.00
CA GLN A 82 -26.85 -15.67 -4.25
C GLN A 82 -27.61 -14.99 -5.38
N ILE A 83 -26.90 -14.29 -6.25
CA ILE A 83 -27.47 -13.68 -7.44
C ILE A 83 -26.79 -14.31 -8.65
N SER A 84 -27.58 -14.86 -9.56
CA SER A 84 -27.08 -15.52 -10.75
C SER A 84 -27.33 -14.63 -11.97
N SER A 85 -26.62 -14.94 -13.06
CA SER A 85 -26.77 -14.26 -14.33
C SER A 85 -26.76 -12.74 -14.13
N LEU A 86 -25.67 -12.26 -13.54
CA LEU A 86 -25.60 -10.88 -13.07
C LEU A 86 -25.68 -9.91 -14.24
N LYS A 87 -26.33 -8.77 -13.98
CA LYS A 87 -26.46 -7.67 -14.93
C LYS A 87 -25.83 -6.40 -14.36
N THR A 88 -25.43 -5.51 -15.26
CA THR A 88 -24.85 -4.24 -14.83
C THR A 88 -25.75 -3.53 -13.83
N GLU A 89 -27.07 -3.61 -14.03
CA GLU A 89 -28.01 -2.93 -13.15
C GLU A 89 -28.15 -3.57 -11.78
N ASP A 90 -27.54 -4.74 -11.55
CA ASP A 90 -27.51 -5.31 -10.21
C ASP A 90 -26.51 -4.60 -9.30
N THR A 91 -25.74 -3.65 -9.83
CA THR A 91 -24.80 -2.88 -9.05
C THR A 91 -25.55 -2.15 -7.95
N ALA A 92 -25.21 -2.44 -6.69
CA ALA A 92 -25.92 -1.86 -5.57
C ALA A 92 -25.24 -2.29 -4.27
N VAL A 93 -25.68 -1.68 -3.18
CA VAL A 93 -25.38 -2.16 -1.83
C VAL A 93 -26.49 -3.10 -1.41
N TYR A 94 -26.11 -4.25 -0.84
CA TYR A 94 -27.07 -5.25 -0.36
C TYR A 94 -26.95 -5.36 1.14
N TYR A 95 -28.08 -5.13 1.83
CA TYR A 95 -28.16 -5.20 3.28
C TYR A 95 -28.89 -6.47 3.69
N CYS A 96 -28.43 -7.09 4.78
CA CYS A 96 -29.24 -8.02 5.53
C CYS A 96 -29.71 -7.32 6.81
N ALA A 97 -30.87 -7.75 7.31
CA ALA A 97 -31.40 -7.19 8.55
C ALA A 97 -32.23 -8.26 9.24
N ARG A 98 -32.39 -8.11 10.55
CA ARG A 98 -33.27 -8.99 11.31
C ARG A 98 -34.70 -8.52 11.12
N PHE A 99 -35.56 -9.42 10.65
CA PHE A 99 -36.94 -9.09 10.29
C PHE A 99 -37.84 -9.58 11.42
N ARG A 100 -38.30 -8.65 12.24
CA ARG A 100 -39.12 -8.94 13.40
C ARG A 100 -40.60 -8.84 13.04
N VAL A 101 -41.41 -9.66 13.71
CA VAL A 101 -42.86 -9.70 13.48
C VAL A 101 -43.55 -9.85 14.83
N ALA A 102 -44.71 -9.20 14.98
CA ALA A 102 -45.48 -9.31 16.21
C ALA A 102 -46.96 -9.15 15.88
N PRO A 103 -47.84 -9.71 16.71
CA PRO A 103 -49.28 -9.62 16.41
C PRO A 103 -49.81 -8.20 16.59
N ALA A 104 -50.66 -7.78 15.67
CA ALA A 104 -51.26 -6.46 15.74
C ALA A 104 -52.45 -6.47 16.69
N ALA A 105 -53.00 -5.28 16.93
CA ALA A 105 -54.21 -5.19 17.76
C ALA A 105 -55.40 -5.85 17.07
N GLN A 106 -55.44 -5.81 15.75
CA GLN A 106 -56.54 -6.38 14.97
C GLN A 106 -56.24 -7.83 14.65
N ARG A 107 -57.23 -8.70 14.87
CA ARG A 107 -57.00 -10.13 14.65
C ARG A 107 -56.70 -10.39 13.17
N GLY A 108 -55.77 -11.30 12.93
CA GLY A 108 -55.34 -11.60 11.58
C GLY A 108 -54.34 -10.65 10.99
N TYR A 109 -53.83 -9.70 11.75
CA TYR A 109 -52.90 -8.70 11.26
C TYR A 109 -51.67 -8.65 12.16
N PHE A 110 -50.58 -8.16 11.58
CA PHE A 110 -49.29 -8.11 12.24
C PHE A 110 -48.62 -6.78 11.95
N TYR A 111 -47.59 -6.47 12.74
CA TYR A 111 -46.66 -5.40 12.40
C TYR A 111 -45.26 -5.98 12.32
N TYR A 112 -44.40 -5.28 11.59
CA TYR A 112 -43.08 -5.76 11.22
C TYR A 112 -42.08 -4.64 11.37
N TYR A 113 -40.82 -5.00 11.63
CA TYR A 113 -39.76 -3.99 11.75
C TYR A 113 -38.41 -4.66 11.65
N MET A 114 -37.42 -3.89 11.21
CA MET A 114 -36.04 -4.37 11.02
C MET A 114 -35.19 -3.66 12.06
N ASP A 115 -34.89 -4.36 13.16
CA ASP A 115 -34.29 -3.72 14.32
C ASP A 115 -32.76 -3.70 14.27
N VAL A 116 -32.15 -4.72 13.67
CA VAL A 116 -30.70 -4.79 13.54
C VAL A 116 -30.35 -4.91 12.06
N TRP A 117 -29.35 -4.15 11.63
CA TRP A 117 -28.95 -4.11 10.23
C TRP A 117 -27.47 -4.42 10.09
N GLY A 118 -27.12 -5.17 9.05
CA GLY A 118 -25.73 -5.27 8.64
C GLY A 118 -25.29 -3.99 7.95
N LYS A 119 -23.97 -3.89 7.76
CA LYS A 119 -23.37 -2.68 7.19
C LYS A 119 -23.48 -2.62 5.68
N GLY A 120 -23.95 -3.67 5.04
CA GLY A 120 -24.09 -3.64 3.59
C GLY A 120 -22.88 -4.22 2.89
N THR A 121 -23.14 -4.86 1.75
CA THR A 121 -22.11 -5.36 0.87
C THR A 121 -22.27 -4.70 -0.50
N THR A 122 -21.20 -4.08 -0.98
CA THR A 122 -21.23 -3.45 -2.30
C THR A 122 -20.90 -4.50 -3.35
N VAL A 123 -21.79 -4.67 -4.32
CA VAL A 123 -21.58 -5.56 -5.46
C VAL A 123 -21.61 -4.69 -6.71
N THR A 124 -20.51 -4.68 -7.46
CA THR A 124 -20.43 -3.97 -8.72
C THR A 124 -20.34 -4.97 -9.86
N VAL A 125 -21.19 -4.79 -10.86
CA VAL A 125 -21.23 -5.65 -12.04
C VAL A 125 -20.79 -4.80 -13.23
N SER A 126 -19.69 -5.18 -13.87
CA SER A 126 -19.16 -4.40 -14.97
C SER A 126 -18.33 -5.30 -15.88
N SER A 127 -18.26 -4.91 -17.16
CA SER A 127 -17.38 -5.59 -18.10
C SER A 127 -15.92 -5.22 -17.91
N ALA A 128 -15.64 -4.15 -17.19
CA ALA A 128 -14.26 -3.77 -16.91
C ALA A 128 -13.73 -4.54 -15.70
N SER A 129 -12.43 -4.81 -15.72
CA SER A 129 -11.75 -5.51 -14.65
C SER A 129 -11.29 -4.51 -13.60
N THR A 130 -10.90 -5.03 -12.43
CA THR A 130 -10.52 -4.15 -11.35
C THR A 130 -9.18 -3.48 -11.65
N LYS A 131 -9.00 -2.27 -11.12
CA LYS A 131 -7.77 -1.52 -11.23
C LYS A 131 -7.45 -0.93 -9.88
N GLY A 132 -6.24 -1.18 -9.38
CA GLY A 132 -5.80 -0.62 -8.12
C GLY A 132 -5.45 0.85 -8.24
N PRO A 133 -5.52 1.57 -7.12
CA PRO A 133 -5.24 3.01 -7.15
C PRO A 133 -3.76 3.32 -7.18
N SER A 134 -3.44 4.46 -7.80
CA SER A 134 -2.18 5.15 -7.60
C SER A 134 -2.41 6.27 -6.59
N VAL A 135 -1.53 6.38 -5.59
CA VAL A 135 -1.69 7.32 -4.50
C VAL A 135 -0.57 8.35 -4.57
N PHE A 136 -0.93 9.63 -4.62
CA PHE A 136 0.05 10.69 -4.68
C PHE A 136 -0.11 11.66 -3.52
N PRO A 137 0.98 12.23 -3.01
CA PRO A 137 0.87 13.14 -1.87
C PRO A 137 0.36 14.51 -2.31
N LEU A 138 -0.47 15.10 -1.46
CA LEU A 138 -0.85 16.52 -1.55
C LEU A 138 -0.09 17.21 -0.42
N ALA A 139 1.13 17.66 -0.73
CA ALA A 139 2.04 18.13 0.31
C ALA A 139 1.57 19.45 0.90
N PRO A 140 1.84 19.68 2.20
CA PRO A 140 1.49 20.97 2.79
C PRO A 140 2.40 22.07 2.30
N SER A 141 1.86 23.28 2.26
CA SER A 141 2.61 24.44 1.80
C SER A 141 1.98 25.70 2.39
N SER A 142 2.60 26.84 2.11
CA SER A 142 2.03 28.11 2.55
C SER A 142 0.61 28.31 2.04
N LYS A 143 0.33 27.83 0.82
CA LYS A 143 -1.00 27.98 0.26
C LYS A 143 -2.01 26.97 0.80
N SER A 144 -1.56 25.98 1.57
CA SER A 144 -2.45 25.08 2.27
C SER A 144 -2.51 25.38 3.77
N THR A 145 -1.93 26.48 4.21
CA THR A 145 -1.83 26.82 5.62
C THR A 145 -2.64 28.07 5.94
N SER A 146 -3.13 28.14 7.18
CA SER A 146 -3.86 29.31 7.66
C SER A 146 -3.65 29.40 9.16
N GLY A 147 -3.04 30.48 9.60
CA GLY A 147 -2.75 30.63 11.01
C GLY A 147 -1.64 29.67 11.40
N GLY A 148 -1.93 28.86 12.40
CA GLY A 148 -1.03 27.83 12.87
C GLY A 148 -1.29 26.43 12.35
N THR A 149 -2.23 26.26 11.43
CA THR A 149 -2.61 24.93 10.94
C THR A 149 -2.38 24.80 9.45
N ALA A 150 -1.93 23.60 9.04
CA ALA A 150 -1.69 23.27 7.64
C ALA A 150 -2.57 22.12 7.22
N ALA A 151 -2.90 22.09 5.93
CA ALA A 151 -3.65 20.99 5.33
C ALA A 151 -2.70 20.15 4.49
N LEU A 152 -2.78 18.83 4.67
CA LEU A 152 -2.04 17.85 3.89
C LEU A 152 -3.01 16.74 3.52
N GLY A 153 -2.68 15.99 2.47
CA GLY A 153 -3.65 15.00 2.02
C GLY A 153 -3.05 14.00 1.05
N CYS A 154 -3.94 13.14 0.55
CA CYS A 154 -3.59 12.14 -0.45
C CYS A 154 -4.54 12.20 -1.62
N LEU A 155 -4.01 12.05 -2.82
CA LEU A 155 -4.82 11.88 -4.02
C LEU A 155 -4.82 10.40 -4.39
N VAL A 156 -5.99 9.76 -4.33
CA VAL A 156 -6.16 8.37 -4.73
C VAL A 156 -6.75 8.38 -6.14
N LYS A 157 -5.94 8.02 -7.13
CA LYS A 157 -6.28 8.27 -8.53
C LYS A 157 -6.47 6.98 -9.30
N ASP A 158 -7.51 6.98 -10.13
CA ASP A 158 -7.69 5.99 -11.20
C ASP A 158 -7.82 4.57 -10.64
N TYR A 159 -8.88 4.35 -9.87
CA TYR A 159 -9.19 3.02 -9.37
C TYR A 159 -10.59 2.59 -9.81
N PHE A 160 -10.83 1.28 -9.78
CA PHE A 160 -12.14 0.75 -10.14
C PHE A 160 -12.28 -0.66 -9.57
N PRO A 161 -13.43 -1.01 -8.97
CA PRO A 161 -14.61 -0.18 -8.71
C PRO A 161 -14.55 0.49 -7.33
N GLU A 162 -15.63 1.13 -6.92
CA GLU A 162 -15.78 1.51 -5.53
C GLU A 162 -15.86 0.25 -4.66
N PRO A 163 -15.56 0.37 -3.37
CA PRO A 163 -15.11 1.56 -2.64
C PRO A 163 -13.64 1.47 -2.27
N VAL A 164 -13.01 2.58 -1.88
CA VAL A 164 -11.74 2.59 -1.18
C VAL A 164 -11.97 3.20 0.19
N THR A 165 -11.28 2.69 1.19
CA THR A 165 -11.27 3.29 2.52
C THR A 165 -9.90 3.92 2.76
N VAL A 166 -9.88 5.06 3.43
CA VAL A 166 -8.67 5.80 3.73
C VAL A 166 -8.63 6.06 5.23
N SER A 167 -7.51 5.73 5.85
CA SER A 167 -7.22 6.10 7.22
C SER A 167 -5.92 6.89 7.26
N TRP A 168 -5.64 7.49 8.41
CA TRP A 168 -4.41 8.23 8.64
C TRP A 168 -3.72 7.66 9.86
N ASN A 169 -2.41 7.41 9.75
CA ASN A 169 -1.63 6.79 10.82
C ASN A 169 -2.34 5.55 11.33
N SER A 170 -2.76 4.70 10.39
CA SER A 170 -3.41 3.44 10.73
C SER A 170 -4.64 3.65 11.60
N GLY A 171 -5.38 4.73 11.30
CA GLY A 171 -6.53 5.08 12.08
C GLY A 171 -6.23 5.91 13.30
N ALA A 172 -4.96 6.21 13.55
CA ALA A 172 -4.56 6.96 14.72
C ALA A 172 -5.09 8.39 14.71
N LEU A 173 -5.18 9.00 13.54
CA LEU A 173 -5.56 10.40 13.41
C LEU A 173 -6.96 10.44 12.81
N THR A 174 -7.92 10.93 13.59
CA THR A 174 -9.31 11.01 13.18
C THR A 174 -9.86 12.42 13.25
N SER A 175 -9.45 13.20 14.25
CA SER A 175 -9.91 14.58 14.35
C SER A 175 -9.23 15.40 13.27
N GLY A 176 -10.01 16.19 12.54
CA GLY A 176 -9.46 16.98 11.47
C GLY A 176 -9.27 16.23 10.17
N VAL A 177 -9.82 15.02 10.05
CA VAL A 177 -9.77 14.25 8.82
C VAL A 177 -11.09 14.41 8.10
N HIS A 178 -11.03 14.62 6.79
CA HIS A 178 -12.21 14.51 5.94
C HIS A 178 -11.79 13.85 4.65
N THR A 179 -12.47 12.77 4.28
CA THR A 179 -12.27 12.11 3.01
C THR A 179 -13.46 12.44 2.13
N PHE A 180 -13.21 13.01 0.95
CA PHE A 180 -14.26 13.48 0.08
C PHE A 180 -14.86 12.32 -0.71
N PRO A 181 -16.10 12.48 -1.19
CA PRO A 181 -16.65 11.47 -2.10
C PRO A 181 -15.81 11.36 -3.37
N ALA A 182 -15.85 10.19 -3.99
CA ALA A 182 -15.09 9.96 -5.21
C ALA A 182 -15.75 10.65 -6.39
N VAL A 183 -14.93 10.99 -7.38
CA VAL A 183 -15.41 11.57 -8.63
C VAL A 183 -15.17 10.59 -9.77
N LEU A 184 -16.13 10.46 -10.68
CA LEU A 184 -16.05 9.52 -11.78
C LEU A 184 -15.56 10.25 -13.01
N GLN A 185 -14.47 9.78 -13.58
CA GLN A 185 -13.83 10.42 -14.71
C GLN A 185 -14.37 9.86 -16.02
N SER A 186 -14.19 10.61 -17.11
CA SER A 186 -14.69 10.18 -18.40
C SER A 186 -14.14 8.82 -18.81
N SER A 187 -13.04 8.39 -18.21
CA SER A 187 -12.43 7.11 -18.53
C SER A 187 -13.08 5.93 -17.83
N GLY A 188 -14.08 6.18 -16.97
CA GLY A 188 -14.68 5.13 -16.20
C GLY A 188 -13.96 4.76 -14.92
N LEU A 189 -12.88 5.47 -14.58
CA LEU A 189 -12.15 5.22 -13.35
C LEU A 189 -12.49 6.28 -12.33
N TYR A 190 -12.38 5.90 -11.05
CA TYR A 190 -12.71 6.77 -9.92
C TYR A 190 -11.44 7.43 -9.38
N SER A 191 -11.62 8.57 -8.71
CA SER A 191 -10.57 9.22 -7.95
C SER A 191 -11.19 9.87 -6.72
N LEU A 192 -10.41 9.98 -5.65
CA LEU A 192 -10.83 10.74 -4.48
C LEU A 192 -9.61 11.31 -3.78
N SER A 193 -9.87 12.18 -2.81
CA SER A 193 -8.83 12.81 -2.02
C SER A 193 -9.23 12.79 -0.55
N SER A 194 -8.24 12.62 0.32
CA SER A 194 -8.42 12.71 1.76
C SER A 194 -7.47 13.76 2.32
N VAL A 195 -7.97 14.56 3.26
CA VAL A 195 -7.20 15.66 3.82
C VAL A 195 -7.23 15.58 5.34
N VAL A 196 -6.15 16.03 5.96
CA VAL A 196 -6.06 16.16 7.41
C VAL A 196 -5.43 17.50 7.72
N THR A 197 -6.04 18.25 8.63
CA THR A 197 -5.51 19.50 9.11
C THR A 197 -4.72 19.26 10.38
N VAL A 198 -3.48 19.72 10.40
CA VAL A 198 -2.59 19.46 11.53
C VAL A 198 -1.91 20.75 11.96
N PRO A 199 -1.29 20.78 13.14
CA PRO A 199 -0.50 21.96 13.51
C PRO A 199 0.71 22.12 12.60
N SER A 200 0.87 23.32 12.05
CA SER A 200 1.98 23.56 11.14
C SER A 200 3.32 23.31 11.83
N SER A 201 3.37 23.46 13.14
CA SER A 201 4.61 23.22 13.89
C SER A 201 4.98 21.74 13.92
N SER A 202 4.03 20.85 13.70
CA SER A 202 4.30 19.41 13.72
C SER A 202 4.91 18.89 12.44
N LEU A 203 4.90 19.67 11.37
CA LEU A 203 5.27 19.14 10.05
C LEU A 203 6.73 18.72 9.99
N GLY A 204 7.55 19.20 10.91
CA GLY A 204 8.96 18.86 10.90
C GLY A 204 9.32 17.74 11.86
N THR A 205 8.37 17.36 12.71
CA THR A 205 8.65 16.39 13.77
C THR A 205 7.80 15.13 13.67
N GLN A 206 6.54 15.25 13.27
CA GLN A 206 5.62 14.13 13.26
C GLN A 206 5.50 13.56 11.85
N THR A 207 5.24 12.26 11.77
CA THR A 207 5.00 11.59 10.51
C THR A 207 3.50 11.42 10.26
N TYR A 208 3.09 11.71 9.03
CA TYR A 208 1.70 11.61 8.61
C TYR A 208 1.64 10.63 7.44
N ILE A 209 0.84 9.58 7.59
CA ILE A 209 0.80 8.50 6.62
C ILE A 209 -0.65 8.20 6.25
N CYS A 210 -0.89 8.21 4.96
CA CYS A 210 -2.14 7.78 4.37
C CYS A 210 -2.18 6.29 4.20
N ASN A 211 -3.22 5.65 4.69
CA ASN A 211 -3.44 4.22 4.47
C ASN A 211 -4.65 4.06 3.57
N VAL A 212 -4.44 3.53 2.36
CA VAL A 212 -5.50 3.38 1.36
C VAL A 212 -5.74 1.89 1.11
N ASN A 213 -6.98 1.46 1.30
CA ASN A 213 -7.37 0.07 1.08
C ASN A 213 -8.36 -0.02 -0.07
N HIS A 214 -8.06 -0.90 -1.03
CA HIS A 214 -8.95 -1.18 -2.16
C HIS A 214 -9.12 -2.70 -2.23
N LYS A 215 -10.16 -3.19 -1.55
CA LYS A 215 -10.37 -4.64 -1.49
C LYS A 215 -10.61 -5.28 -2.85
N PRO A 216 -11.36 -4.66 -3.78
CA PRO A 216 -11.61 -5.33 -5.07
C PRO A 216 -10.34 -5.69 -5.82
N SER A 217 -9.28 -4.90 -5.69
CA SER A 217 -8.00 -5.20 -6.33
C SER A 217 -6.97 -5.76 -5.35
N ASN A 218 -7.36 -6.01 -4.10
CA ASN A 218 -6.49 -6.60 -3.09
C ASN A 218 -5.24 -5.75 -2.87
N THR A 219 -5.42 -4.43 -2.88
CA THR A 219 -4.31 -3.49 -2.79
C THR A 219 -4.43 -2.64 -1.53
N LYS A 220 -3.32 -2.48 -0.83
CA LYS A 220 -3.20 -1.53 0.27
C LYS A 220 -1.95 -0.70 0.03
N VAL A 221 -2.09 0.61 0.10
CA VAL A 221 -0.99 1.55 -0.13
C VAL A 221 -0.87 2.44 1.10
N ASP A 222 0.35 2.55 1.65
CA ASP A 222 0.67 3.53 2.66
C ASP A 222 1.57 4.59 2.03
N LYS A 223 1.20 5.85 2.20
CA LYS A 223 1.94 6.98 1.62
C LYS A 223 2.22 7.99 2.71
N LYS A 224 3.49 8.25 2.97
CA LYS A 224 3.89 9.31 3.90
C LYS A 224 3.88 10.64 3.18
N VAL A 225 3.20 11.63 3.76
CA VAL A 225 3.04 12.94 3.17
C VAL A 225 3.87 13.93 3.98
N GLU A 226 4.84 14.57 3.33
CA GLU A 226 5.76 15.50 3.96
C GLU A 226 5.87 16.76 3.12
N PRO A 227 6.28 17.87 3.73
CA PRO A 227 6.40 19.14 2.97
C PRO A 227 7.46 19.04 1.88
N LYS A 228 7.42 20.05 1.00
CA LYS A 228 8.27 20.17 -0.20
C LYS A 228 7.59 19.51 -1.40
N GLU B 3 -45.46 1.23 3.00
CA GLU B 3 -46.27 2.26 2.36
C GLU B 3 -45.83 2.42 0.91
N LEU B 4 -46.63 3.12 0.11
CA LEU B 4 -46.33 3.28 -1.31
C LEU B 4 -45.65 4.61 -1.58
N THR B 5 -46.39 5.71 -1.50
CA THR B 5 -45.89 7.01 -1.96
C THR B 5 -45.48 7.93 -0.82
N GLN B 6 -44.45 8.75 -1.09
CA GLN B 6 -43.79 9.57 -0.09
C GLN B 6 -43.26 10.82 -0.79
N ASP B 7 -43.44 11.98 -0.15
CA ASP B 7 -42.96 13.23 -0.74
C ASP B 7 -41.45 13.18 -0.93
N PRO B 8 -40.93 13.60 -2.09
CA PRO B 8 -39.46 13.52 -2.28
C PRO B 8 -38.67 14.42 -1.34
N THR B 9 -39.12 15.66 -1.12
CA THR B 9 -38.35 16.62 -0.34
C THR B 9 -39.23 17.34 0.66
N VAL B 10 -38.63 17.72 1.79
CA VAL B 10 -39.31 18.45 2.85
C VAL B 10 -38.29 19.33 3.55
N SER B 11 -38.75 20.49 4.01
CA SER B 11 -37.89 21.48 4.66
C SER B 11 -38.45 21.85 6.03
N VAL B 12 -37.54 22.13 6.96
CA VAL B 12 -37.88 22.47 8.34
C VAL B 12 -36.98 23.59 8.81
N ALA B 13 -37.37 24.22 9.92
CA ALA B 13 -36.57 25.25 10.58
C ALA B 13 -36.21 24.75 11.98
N LEU B 14 -34.97 25.05 12.40
CA LEU B 14 -34.51 24.61 13.71
C LEU B 14 -35.52 24.94 14.79
N GLY B 15 -35.90 23.93 15.57
CA GLY B 15 -36.83 24.10 16.66
C GLY B 15 -38.28 23.90 16.28
N GLN B 16 -38.62 24.02 15.01
CA GLN B 16 -40.00 23.81 14.58
C GLN B 16 -40.27 22.32 14.40
N THR B 17 -41.52 21.98 14.10
CA THR B 17 -41.94 20.60 13.91
C THR B 17 -42.29 20.36 12.45
N VAL B 18 -42.06 19.12 12.00
CA VAL B 18 -42.34 18.72 10.63
C VAL B 18 -42.92 17.32 10.67
N THR B 19 -43.78 17.01 9.70
CA THR B 19 -44.41 15.70 9.60
C THR B 19 -44.13 15.12 8.23
N ILE B 20 -43.45 13.98 8.19
CA ILE B 20 -43.23 13.23 6.95
C ILE B 20 -44.33 12.20 6.86
N THR B 21 -45.02 12.15 5.71
CA THR B 21 -46.20 11.31 5.57
C THR B 21 -46.06 10.38 4.38
N CYS B 22 -46.44 9.12 4.59
CA CYS B 22 -46.54 8.11 3.54
C CYS B 22 -48.01 7.80 3.30
N GLN B 23 -48.35 7.53 2.04
CA GLN B 23 -49.74 7.28 1.65
C GLN B 23 -49.80 5.97 0.88
N GLY B 24 -50.72 5.10 1.27
CA GLY B 24 -50.91 3.83 0.61
C GLY B 24 -52.09 3.06 1.15
N ASP B 25 -52.79 2.34 0.27
CA ASP B 25 -54.00 1.63 0.69
C ASP B 25 -53.72 0.66 1.82
N SER B 26 -52.58 -0.01 1.78
CA SER B 26 -52.27 -1.02 2.79
C SER B 26 -52.18 -0.40 4.18
N LEU B 27 -51.87 0.89 4.27
CA LEU B 27 -51.76 1.56 5.56
C LEU B 27 -53.11 1.69 6.26
N ARG B 28 -54.22 1.36 5.58
CA ARG B 28 -55.51 1.32 6.24
C ARG B 28 -55.65 0.09 7.13
N TRP B 29 -54.81 -0.92 6.94
CA TRP B 29 -54.89 -2.16 7.69
C TRP B 29 -53.62 -2.51 8.43
N TYR B 30 -52.46 -2.09 7.95
CA TYR B 30 -51.17 -2.40 8.56
C TYR B 30 -50.49 -1.13 9.02
N SER B 31 -49.77 -1.23 10.13
CA SER B 31 -48.96 -0.13 10.61
C SER B 31 -47.66 -0.04 9.80
N ALA B 32 -47.00 1.09 9.91
CA ALA B 32 -45.71 1.32 9.26
C ALA B 32 -44.60 1.41 10.30
N SER B 33 -43.40 1.05 9.88
CA SER B 33 -42.18 1.37 10.61
C SER B 33 -41.40 2.40 9.82
N TRP B 34 -40.59 3.20 10.52
CA TRP B 34 -39.88 4.31 9.92
C TRP B 34 -38.37 4.18 10.16
N TYR B 35 -37.59 4.50 9.15
CA TYR B 35 -36.13 4.34 9.17
C TYR B 35 -35.46 5.63 8.74
N GLN B 36 -34.37 5.97 9.41
CA GLN B 36 -33.52 7.10 9.05
C GLN B 36 -32.26 6.58 8.40
N GLN B 37 -31.81 7.26 7.35
CA GLN B 37 -30.54 6.94 6.69
C GLN B 37 -29.80 8.23 6.40
N LYS B 38 -28.65 8.43 7.01
CA LYS B 38 -27.77 9.54 6.68
C LYS B 38 -26.79 9.13 5.59
N PRO B 39 -26.27 10.08 4.83
CA PRO B 39 -25.44 9.75 3.67
C PRO B 39 -24.30 8.82 4.04
N GLY B 40 -24.20 7.70 3.32
CA GLY B 40 -23.16 6.73 3.56
C GLY B 40 -23.38 5.83 4.75
N GLN B 41 -24.41 6.06 5.55
CA GLN B 41 -24.67 5.29 6.75
C GLN B 41 -25.70 4.19 6.48
N THR B 42 -25.76 3.23 7.40
CA THR B 42 -26.78 2.20 7.32
C THR B 42 -28.08 2.71 7.94
N PRO B 43 -29.22 2.23 7.45
CA PRO B 43 -30.50 2.68 8.02
C PRO B 43 -30.61 2.34 9.50
N VAL B 44 -31.38 3.15 10.22
CA VAL B 44 -31.64 2.94 11.65
C VAL B 44 -33.13 3.00 11.90
N LEU B 45 -33.64 2.05 12.68
CA LEU B 45 -35.05 2.02 13.03
C LEU B 45 -35.40 3.13 14.02
N LEU B 46 -36.41 3.93 13.66
CA LEU B 46 -36.90 5.03 14.48
C LEU B 46 -38.22 4.72 15.18
N ILE B 47 -39.22 4.27 14.44
CA ILE B 47 -40.54 3.99 14.99
C ILE B 47 -41.04 2.68 14.42
N TYR B 48 -41.68 1.88 15.27
CA TYR B 48 -42.31 0.64 14.83
C TYR B 48 -43.69 0.52 15.45
N ASN B 49 -44.54 -0.24 14.78
CA ASN B 49 -45.94 -0.39 15.18
C ASN B 49 -46.61 0.96 15.35
N LYS B 50 -46.50 1.77 14.29
CA LYS B 50 -47.16 3.07 14.21
C LYS B 50 -46.49 4.12 15.09
N ASP B 51 -46.25 3.80 16.37
CA ASP B 51 -45.75 4.84 17.27
C ASP B 51 -44.89 4.35 18.43
N ASN B 52 -44.36 3.13 18.39
CA ASN B 52 -43.45 2.65 19.42
C ASN B 52 -42.03 3.07 19.08
N ARG B 53 -41.26 3.44 20.10
CA ARG B 53 -39.92 3.98 19.94
C ARG B 53 -38.88 3.07 20.55
N PRO B 54 -37.86 2.63 19.80
CA PRO B 54 -36.78 1.87 20.42
C PRO B 54 -36.08 2.70 21.48
N SER B 55 -35.37 2.02 22.37
CA SER B 55 -34.78 2.69 23.53
C SER B 55 -33.75 3.75 23.15
N GLY B 56 -33.04 3.56 22.03
CA GLY B 56 -32.01 4.50 21.68
C GLY B 56 -32.48 5.76 21.01
N ILE B 57 -33.74 5.83 20.60
CA ILE B 57 -34.23 6.92 19.77
C ILE B 57 -34.74 8.07 20.64
N PRO B 58 -34.34 9.31 20.33
CA PRO B 58 -34.79 10.43 21.15
C PRO B 58 -36.30 10.64 21.08
N ASP B 59 -36.83 11.28 22.12
CA ASP B 59 -38.26 11.53 22.21
C ASP B 59 -38.75 12.53 21.17
N ARG B 60 -37.84 13.18 20.44
CA ARG B 60 -38.26 14.11 19.40
C ARG B 60 -39.10 13.43 18.33
N PHE B 61 -38.85 12.13 18.07
CA PHE B 61 -39.49 11.42 16.98
C PHE B 61 -40.78 10.76 17.46
N SER B 62 -41.85 10.94 16.68
CA SER B 62 -43.16 10.45 17.02
C SER B 62 -43.82 9.87 15.78
N GLY B 63 -44.69 8.88 15.99
CA GLY B 63 -45.38 8.23 14.90
C GLY B 63 -46.89 8.33 15.05
N SER B 64 -47.58 8.42 13.92
CA SER B 64 -49.04 8.49 13.90
C SER B 64 -49.55 7.86 12.62
N SER B 65 -50.87 7.76 12.51
CA SER B 65 -51.50 7.14 11.35
C SER B 65 -52.92 7.67 11.24
N SER B 66 -53.41 7.75 10.00
CA SER B 66 -54.78 8.20 9.76
C SER B 66 -55.19 7.74 8.37
N GLU B 67 -56.34 7.05 8.29
CA GLU B 67 -56.89 6.57 7.01
C GLU B 67 -55.79 5.79 6.29
N ASN B 68 -55.57 6.02 5.00
CA ASN B 68 -54.52 5.35 4.23
C ASN B 68 -53.19 6.06 4.33
N THR B 69 -52.86 6.61 5.50
CA THR B 69 -51.63 7.39 5.64
C THR B 69 -50.97 7.10 6.98
N ALA B 70 -49.65 7.21 7.01
CA ALA B 70 -48.85 7.10 8.23
C ALA B 70 -47.83 8.23 8.24
N SER B 71 -47.54 8.74 9.43
CA SER B 71 -46.72 9.94 9.56
C SER B 71 -45.66 9.81 10.63
N LEU B 72 -44.48 10.31 10.34
CA LEU B 72 -43.41 10.52 11.30
C LEU B 72 -43.28 12.02 11.56
N THR B 73 -43.29 12.41 12.83
CA THR B 73 -43.13 13.81 13.20
C THR B 73 -41.91 13.98 14.09
N ILE B 74 -41.17 15.07 13.86
CA ILE B 74 -40.03 15.44 14.67
C ILE B 74 -40.37 16.75 15.38
N THR B 75 -40.21 16.76 16.70
CA THR B 75 -40.60 17.93 17.48
C THR B 75 -39.48 18.96 17.51
N GLY B 76 -38.43 18.69 18.27
CA GLY B 76 -37.32 19.63 18.36
C GLY B 76 -36.33 19.47 17.22
N ALA B 77 -36.69 19.94 16.02
CA ALA B 77 -35.85 19.73 14.85
C ALA B 77 -34.45 20.30 15.10
N GLN B 78 -33.43 19.48 14.81
CA GLN B 78 -32.05 19.88 14.97
C GLN B 78 -31.29 19.59 13.68
N ALA B 79 -30.03 20.01 13.63
CA ALA B 79 -29.21 19.81 12.44
C ALA B 79 -28.92 18.34 12.20
N GLU B 80 -28.79 17.54 13.26
CA GLU B 80 -28.49 16.13 13.10
C GLU B 80 -29.64 15.35 12.49
N ASP B 81 -30.82 15.96 12.33
CA ASP B 81 -31.97 15.28 11.76
C ASP B 81 -32.08 15.46 10.25
N GLU B 82 -31.15 16.18 9.63
CA GLU B 82 -31.12 16.30 8.18
C GLU B 82 -30.66 14.97 7.59
N ALA B 83 -31.58 14.26 6.94
CA ALA B 83 -31.29 12.92 6.44
C ALA B 83 -32.45 12.46 5.55
N ASP B 84 -32.39 11.22 5.09
CA ASP B 84 -33.48 10.58 4.36
C ASP B 84 -34.29 9.72 5.30
N TYR B 85 -35.62 9.75 5.14
CA TYR B 85 -36.54 9.00 5.97
C TYR B 85 -37.42 8.13 5.10
N TYR B 86 -37.51 6.84 5.44
CA TYR B 86 -38.24 5.85 4.68
C TYR B 86 -39.30 5.19 5.56
N CYS B 87 -40.50 5.01 5.01
CA CYS B 87 -41.52 4.19 5.66
C CYS B 87 -41.48 2.78 5.07
N HIS B 88 -41.94 1.81 5.87
CA HIS B 88 -41.96 0.41 5.46
C HIS B 88 -43.25 -0.21 5.98
N SER B 89 -43.90 -1.01 5.14
CA SER B 89 -45.11 -1.71 5.55
C SER B 89 -45.45 -2.76 4.50
N ARG B 90 -46.58 -3.43 4.68
CA ARG B 90 -47.11 -4.31 3.66
C ARG B 90 -47.47 -3.49 2.43
N ASP B 91 -47.43 -4.14 1.27
CA ASP B 91 -47.97 -3.53 0.05
C ASP B 91 -49.37 -4.09 -0.20
N ASN B 92 -49.89 -3.85 -1.40
CA ASN B 92 -51.27 -4.16 -1.73
C ASN B 92 -51.48 -5.59 -2.22
N ASN B 93 -50.43 -6.40 -2.27
CA ASN B 93 -50.57 -7.77 -2.74
C ASN B 93 -51.40 -8.59 -1.75
N VAL B 94 -52.15 -9.55 -2.29
CA VAL B 94 -52.96 -10.42 -1.44
C VAL B 94 -52.08 -11.30 -0.56
N PHE B 95 -51.06 -11.91 -1.17
CA PHE B 95 -50.05 -12.62 -0.39
C PHE B 95 -49.14 -11.62 0.30
N PRO B 96 -48.60 -11.98 1.46
CA PRO B 96 -47.75 -11.03 2.20
C PRO B 96 -46.53 -10.60 1.38
N ASN B 97 -46.43 -9.31 1.13
CA ASN B 97 -45.28 -8.68 0.50
C ASN B 97 -45.10 -7.30 1.12
N TRP B 98 -43.87 -6.80 1.12
CA TRP B 98 -43.54 -5.55 1.79
C TRP B 98 -42.84 -4.61 0.82
N VAL B 99 -42.93 -3.31 1.12
CA VAL B 99 -42.31 -2.28 0.30
C VAL B 99 -41.82 -1.15 1.19
N PHE B 100 -40.78 -0.46 0.73
CA PHE B 100 -40.38 0.82 1.29
C PHE B 100 -41.05 1.94 0.50
N GLY B 101 -41.41 3.01 1.20
CA GLY B 101 -41.72 4.25 0.51
C GLY B 101 -40.50 4.77 -0.23
N GLY B 102 -40.75 5.73 -1.11
CA GLY B 102 -39.68 6.27 -1.93
C GLY B 102 -38.64 7.06 -1.17
N GLY B 103 -38.97 7.49 0.04
CA GLY B 103 -38.04 8.26 0.84
C GLY B 103 -38.30 9.74 0.77
N THR B 104 -37.95 10.45 1.85
CA THR B 104 -38.09 11.89 1.94
C THR B 104 -36.76 12.47 2.41
N LYS B 105 -36.20 13.39 1.62
CA LYS B 105 -35.02 14.15 2.03
C LYS B 105 -35.50 15.31 2.91
N LEU B 106 -35.00 15.37 4.14
CA LEU B 106 -35.33 16.43 5.08
C LEU B 106 -34.23 17.48 5.10
N THR B 107 -34.61 18.74 4.91
CA THR B 107 -33.69 19.86 5.00
C THR B 107 -34.10 20.73 6.19
N VAL B 108 -33.19 20.86 7.16
CA VAL B 108 -33.39 21.74 8.30
C VAL B 108 -32.74 23.08 7.98
N LEU B 109 -33.56 24.12 7.86
CA LEU B 109 -33.07 25.44 7.48
C LEU B 109 -32.77 26.27 8.73
N GLY B 110 -31.99 27.32 8.52
CA GLY B 110 -31.67 28.26 9.58
C GLY B 110 -30.48 27.90 10.44
N GLN B 111 -29.52 27.16 9.92
CA GLN B 111 -28.31 26.86 10.67
C GLN B 111 -27.27 27.96 10.48
N PRO B 112 -26.27 28.02 11.37
CA PRO B 112 -25.27 29.10 11.28
C PRO B 112 -24.60 29.12 9.91
N LYS B 113 -24.81 30.23 9.20
CA LYS B 113 -24.26 30.39 7.85
C LYS B 113 -22.74 30.58 7.88
N ALA B 114 -22.04 29.79 7.06
CA ALA B 114 -20.60 29.86 6.94
C ALA B 114 -20.19 29.94 5.47
N ALA B 115 -19.06 30.69 5.20
CA ALA B 115 -18.50 30.85 3.86
C ALA B 115 -17.48 29.76 3.58
N PRO B 116 -17.31 29.36 2.32
CA PRO B 116 -16.45 28.20 2.02
C PRO B 116 -14.97 28.55 2.14
N SER B 117 -14.21 27.58 2.65
CA SER B 117 -12.75 27.63 2.66
C SER B 117 -12.25 26.80 1.49
N VAL B 118 -11.40 27.40 0.65
CA VAL B 118 -10.95 26.80 -0.59
C VAL B 118 -9.45 26.55 -0.52
N THR B 119 -9.03 25.33 -0.84
CA THR B 119 -7.62 24.96 -0.88
C THR B 119 -7.33 24.27 -2.19
N LEU B 120 -6.32 24.76 -2.90
CA LEU B 120 -5.97 24.25 -4.23
C LEU B 120 -4.55 23.71 -4.16
N PHE B 121 -4.40 22.44 -4.53
CA PHE B 121 -3.11 21.78 -4.57
C PHE B 121 -2.62 21.64 -6.00
N PRO B 122 -1.35 21.94 -6.28
CA PRO B 122 -0.80 21.70 -7.62
C PRO B 122 -0.50 20.22 -7.83
N PRO B 123 -0.16 19.81 -9.04
CA PRO B 123 0.30 18.43 -9.25
C PRO B 123 1.57 18.18 -8.44
N SER B 124 1.66 16.98 -7.86
CA SER B 124 2.88 16.60 -7.17
C SER B 124 3.95 16.20 -8.18
N SER B 125 5.21 16.38 -7.78
CA SER B 125 6.32 15.96 -8.63
C SER B 125 6.19 14.49 -8.99
N GLU B 126 5.73 13.68 -8.04
CA GLU B 126 5.63 12.24 -8.28
C GLU B 126 4.62 11.93 -9.37
N GLU B 127 3.46 12.60 -9.35
CA GLU B 127 2.47 12.38 -10.39
C GLU B 127 3.01 12.81 -11.75
N LEU B 128 3.70 13.95 -11.79
CA LEU B 128 4.29 14.42 -13.05
C LEU B 128 5.26 13.38 -13.59
N GLN B 129 6.04 12.76 -12.72
CA GLN B 129 6.97 11.73 -13.17
C GLN B 129 6.24 10.52 -13.73
N ALA B 130 4.96 10.35 -13.40
CA ALA B 130 4.13 9.28 -13.94
C ALA B 130 3.34 9.71 -15.18
N ASN B 131 3.72 10.81 -15.81
CA ASN B 131 3.07 11.30 -17.03
C ASN B 131 1.62 11.71 -16.80
N LYS B 132 1.31 12.21 -15.60
CA LYS B 132 -0.01 12.73 -15.27
C LYS B 132 0.14 14.06 -14.56
N ALA B 133 -0.97 14.79 -14.45
CA ALA B 133 -0.98 16.08 -13.77
C ALA B 133 -2.41 16.38 -13.36
N THR B 134 -2.63 16.54 -12.05
CA THR B 134 -3.97 16.74 -11.52
C THR B 134 -3.94 17.86 -10.49
N LEU B 135 -4.73 18.90 -10.72
CA LEU B 135 -4.98 19.94 -9.73
C LEU B 135 -6.20 19.57 -8.91
N VAL B 136 -6.10 19.76 -7.59
CA VAL B 136 -7.14 19.35 -6.65
C VAL B 136 -7.62 20.61 -5.92
N CYS B 137 -8.91 20.90 -6.03
CA CYS B 137 -9.53 22.04 -5.37
C CYS B 137 -10.51 21.52 -4.32
N LEU B 138 -10.22 21.79 -3.05
CA LEU B 138 -11.03 21.31 -1.94
C LEU B 138 -11.77 22.47 -1.29
N ILE B 139 -13.07 22.28 -1.07
CA ILE B 139 -13.97 23.32 -0.59
C ILE B 139 -14.65 22.81 0.68
N SER B 140 -14.52 23.56 1.78
CA SER B 140 -14.95 23.05 3.08
C SER B 140 -15.55 24.14 3.94
N ASP B 141 -16.38 23.69 4.89
CA ASP B 141 -16.90 24.52 6.00
C ASP B 141 -17.86 25.60 5.51
N PHE B 142 -18.81 25.21 4.67
CA PHE B 142 -19.90 26.11 4.22
C PHE B 142 -21.18 25.60 4.92
N TYR B 143 -22.14 26.45 5.29
CA TYR B 143 -23.42 26.02 5.91
C TYR B 143 -24.47 25.88 4.81
N PRO B 144 -24.72 26.88 3.95
CA PRO B 144 -25.59 26.67 2.81
C PRO B 144 -24.87 25.54 2.07
N GLY B 145 -25.52 24.42 1.74
CA GLY B 145 -24.84 23.29 1.14
C GLY B 145 -24.97 23.20 -0.36
N ALA B 146 -24.74 24.33 -1.03
CA ALA B 146 -24.72 24.38 -2.49
C ALA B 146 -23.61 25.32 -2.92
N VAL B 147 -22.75 24.85 -3.83
CA VAL B 147 -21.64 25.66 -4.34
C VAL B 147 -21.50 25.39 -5.83
N THR B 148 -20.93 26.35 -6.53
CA THR B 148 -20.59 26.21 -7.95
C THR B 148 -19.09 26.43 -8.13
N VAL B 149 -18.47 25.61 -8.97
CA VAL B 149 -17.03 25.66 -9.20
C VAL B 149 -16.76 25.99 -10.66
N ALA B 150 -15.68 26.74 -10.90
CA ALA B 150 -15.25 27.12 -12.24
C ALA B 150 -13.73 27.13 -12.26
N TRP B 151 -13.15 26.54 -13.30
CA TRP B 151 -11.70 26.46 -13.45
C TRP B 151 -11.22 27.43 -14.51
N LYS B 152 -9.95 27.80 -14.40
CA LYS B 152 -9.33 28.80 -15.25
C LYS B 152 -7.88 28.45 -15.49
N ALA B 153 -7.46 28.60 -16.75
CA ALA B 153 -6.08 28.36 -17.18
C ALA B 153 -5.49 29.70 -17.55
N ASP B 154 -4.45 30.12 -16.84
CA ASP B 154 -3.86 31.45 -17.04
C ASP B 154 -4.97 32.44 -16.78
N SER B 155 -5.22 33.40 -17.66
CA SER B 155 -6.34 34.33 -17.52
C SER B 155 -7.54 33.90 -18.35
N SER B 156 -7.53 32.70 -18.92
CA SER B 156 -8.61 32.18 -19.75
C SER B 156 -9.27 30.95 -19.12
N PRO B 157 -10.60 30.83 -19.24
CA PRO B 157 -11.32 29.72 -18.59
C PRO B 157 -10.98 28.38 -19.23
N VAL B 158 -11.36 27.32 -18.51
CA VAL B 158 -11.14 25.94 -18.95
C VAL B 158 -12.26 25.06 -18.38
N LYS B 159 -12.92 24.29 -19.27
CA LYS B 159 -13.92 23.30 -18.86
C LYS B 159 -13.55 21.88 -19.26
N ALA B 160 -12.57 21.69 -20.15
CA ALA B 160 -12.14 20.34 -20.51
C ALA B 160 -11.32 19.74 -19.37
N GLY B 161 -11.77 18.61 -18.84
CA GLY B 161 -11.05 17.89 -17.81
C GLY B 161 -11.53 18.09 -16.39
N VAL B 162 -12.63 18.79 -16.18
CA VAL B 162 -13.11 19.11 -14.83
C VAL B 162 -14.08 18.04 -14.35
N GLU B 163 -13.97 17.68 -13.07
CA GLU B 163 -14.89 16.76 -12.40
C GLU B 163 -15.12 17.27 -10.99
N THR B 164 -16.36 17.28 -10.53
CA THR B 164 -16.71 17.89 -9.25
C THR B 164 -17.68 17.01 -8.48
N THR B 165 -17.58 17.05 -7.14
CA THR B 165 -18.42 16.28 -6.21
C THR B 165 -19.50 17.12 -5.51
N THR B 166 -20.52 16.41 -4.96
CA THR B 166 -21.64 17.02 -4.23
C THR B 166 -21.35 17.11 -2.73
N PRO B 167 -21.76 18.20 -2.07
CA PRO B 167 -21.39 18.40 -0.65
C PRO B 167 -21.91 17.32 0.29
N SER B 168 -21.17 17.14 1.40
CA SER B 168 -21.56 16.26 2.49
C SER B 168 -21.07 16.85 3.80
N LYS B 169 -21.62 16.35 4.91
CA LYS B 169 -21.34 16.90 6.23
C LYS B 169 -20.07 16.31 6.84
N GLN B 170 -19.36 17.14 7.58
CA GLN B 170 -18.19 16.72 8.34
C GLN B 170 -18.53 16.40 9.79
N ASN B 173 -20.46 19.77 11.69
CA ASN B 173 -21.82 19.84 11.20
C ASN B 173 -21.92 20.68 9.92
N LYS B 174 -20.77 21.14 9.44
CA LYS B 174 -20.65 21.90 8.20
C LYS B 174 -20.48 20.95 7.02
N TYR B 175 -20.60 21.49 5.81
CA TYR B 175 -20.56 20.70 4.58
C TYR B 175 -19.22 20.91 3.88
N ALA B 176 -18.95 20.06 2.90
CA ALA B 176 -17.68 20.11 2.18
C ALA B 176 -17.81 19.42 0.82
N ALA B 177 -17.05 19.91 -0.15
CA ALA B 177 -17.03 19.33 -1.49
C ALA B 177 -15.64 19.52 -2.11
N SER B 178 -15.45 18.95 -3.29
CA SER B 178 -14.14 18.99 -3.96
C SER B 178 -14.33 19.00 -5.48
N SER B 179 -13.30 19.52 -6.17
CA SER B 179 -13.29 19.58 -7.62
C SER B 179 -11.89 19.25 -8.14
N TYR B 180 -11.84 18.64 -9.31
CA TYR B 180 -10.59 18.16 -9.90
C TYR B 180 -10.44 18.66 -11.33
N LEU B 181 -9.20 18.96 -11.71
CA LEU B 181 -8.85 19.31 -13.08
C LEU B 181 -7.74 18.39 -13.56
N SER B 182 -8.01 17.61 -14.59
CA SER B 182 -7.03 16.68 -15.13
C SER B 182 -6.25 17.33 -16.27
N LEU B 183 -4.93 17.22 -16.22
CA LEU B 183 -4.04 17.85 -17.20
C LEU B 183 -2.84 16.93 -17.44
N THR B 184 -1.98 17.32 -18.38
CA THR B 184 -0.71 16.67 -18.62
C THR B 184 0.48 17.54 -18.20
N PRO B 185 1.66 16.94 -17.98
CA PRO B 185 2.79 17.71 -17.42
C PRO B 185 3.27 18.89 -18.26
N GLU B 186 3.44 18.75 -19.58
CA GLU B 186 3.93 19.87 -20.37
C GLU B 186 2.95 21.05 -20.30
N GLN B 187 1.66 20.75 -20.24
CA GLN B 187 0.68 21.80 -20.06
C GLN B 187 0.96 22.56 -18.75
N TRP B 188 1.18 21.81 -17.66
CA TRP B 188 1.40 22.41 -16.35
C TRP B 188 2.48 23.48 -16.42
N LYS B 189 3.60 23.14 -17.05
CA LYS B 189 4.68 24.09 -17.26
C LYS B 189 4.48 24.95 -18.51
N SER B 190 3.39 24.72 -19.26
CA SER B 190 3.09 25.49 -20.46
C SER B 190 2.03 26.57 -20.24
N HIS B 191 1.49 26.66 -19.01
CA HIS B 191 0.59 27.73 -18.60
C HIS B 191 1.23 28.40 -17.39
N ARG B 192 1.03 29.71 -17.26
CA ARG B 192 1.68 30.42 -16.18
C ARG B 192 0.97 30.23 -14.84
N SER B 193 -0.31 29.90 -14.85
CA SER B 193 -1.03 29.67 -13.61
C SER B 193 -2.33 28.97 -13.94
N TYR B 194 -2.88 28.28 -12.93
CA TYR B 194 -4.23 27.76 -12.98
C TYR B 194 -4.95 28.23 -11.73
N SER B 195 -6.25 28.40 -11.85
CA SER B 195 -7.05 28.92 -10.76
C SER B 195 -8.34 28.13 -10.62
N CYS B 196 -8.77 27.95 -9.38
CA CYS B 196 -10.06 27.39 -9.02
C CYS B 196 -10.90 28.52 -8.45
N GLN B 197 -12.05 28.78 -9.06
CA GLN B 197 -12.95 29.86 -8.66
C GLN B 197 -14.24 29.25 -8.12
N VAL B 198 -14.52 29.49 -6.85
CA VAL B 198 -15.66 28.90 -6.16
C VAL B 198 -16.65 30.00 -5.84
N THR B 199 -17.93 29.76 -6.14
CA THR B 199 -19.00 30.72 -5.93
C THR B 199 -20.01 30.12 -4.95
N HIS B 200 -20.17 30.77 -3.80
CA HIS B 200 -21.08 30.34 -2.74
C HIS B 200 -22.02 31.50 -2.44
N GLU B 201 -23.30 31.31 -2.70
CA GLU B 201 -24.30 32.37 -2.53
C GLU B 201 -23.84 33.52 -3.43
N GLY B 202 -23.67 34.73 -2.91
CA GLY B 202 -23.23 35.83 -3.74
C GLY B 202 -21.72 35.98 -3.83
N SER B 203 -21.01 35.37 -2.88
CA SER B 203 -19.57 35.53 -2.79
C SER B 203 -18.83 34.49 -3.63
N THR B 204 -17.70 34.91 -4.20
CA THR B 204 -16.82 34.06 -4.97
C THR B 204 -15.41 34.14 -4.39
N VAL B 205 -14.70 33.01 -4.44
CA VAL B 205 -13.33 32.93 -3.96
C VAL B 205 -12.48 32.27 -5.05
N GLU B 206 -11.22 32.70 -5.12
CA GLU B 206 -10.32 32.24 -6.17
C GLU B 206 -8.97 31.90 -5.55
N LYS B 207 -8.44 30.74 -5.90
CA LYS B 207 -7.10 30.32 -5.53
C LYS B 207 -6.35 29.96 -6.79
N THR B 208 -5.04 30.22 -6.78
CA THR B 208 -4.20 30.06 -7.95
C THR B 208 -2.94 29.31 -7.55
N VAL B 209 -2.47 28.44 -8.45
CA VAL B 209 -1.20 27.75 -8.32
C VAL B 209 -0.43 27.97 -9.61
N ALA B 210 0.89 27.85 -9.52
CA ALA B 210 1.77 28.05 -10.66
C ALA B 210 2.93 27.07 -10.60
N PRO B 211 3.43 26.61 -11.75
CA PRO B 211 4.59 25.70 -11.73
C PRO B 211 5.84 26.33 -11.13
N THR B 212 5.81 27.62 -10.82
CA THR B 212 6.92 28.30 -10.14
C THR B 212 8.22 28.13 -10.93
N LYS C 3 -42.87 -19.79 21.79
CA LYS C 3 -42.74 -20.28 20.42
C LYS C 3 -41.72 -19.51 19.60
N ASN C 4 -41.39 -20.04 18.42
CA ASN C 4 -40.58 -19.28 17.48
C ASN C 4 -41.41 -18.16 16.87
N GLU C 5 -40.90 -16.93 16.96
CA GLU C 5 -41.58 -15.76 16.40
C GLU C 5 -41.92 -15.92 14.93
N GLN C 6 -41.09 -16.64 14.17
CA GLN C 6 -41.33 -16.73 12.73
C GLN C 6 -42.58 -17.54 12.41
N GLU C 7 -43.11 -18.30 13.37
CA GLU C 7 -44.39 -18.95 13.17
C GLU C 7 -45.48 -17.93 12.87
N LEU C 8 -45.33 -16.70 13.37
CA LEU C 8 -46.31 -15.67 13.04
C LEU C 8 -46.28 -15.32 11.56
N LEU C 9 -45.09 -15.29 10.94
CA LEU C 9 -45.06 -15.03 9.51
C LEU C 9 -45.68 -16.16 8.71
N GLU C 10 -45.55 -17.40 9.18
CA GLU C 10 -46.17 -18.52 8.49
C GLU C 10 -47.69 -18.43 8.60
N LEU C 11 -48.19 -18.09 9.80
CA LEU C 11 -49.62 -17.84 9.96
C LEU C 11 -50.07 -16.65 9.14
N ASP C 12 -49.23 -15.62 9.03
CA ASP C 12 -49.56 -14.44 8.24
C ASP C 12 -49.94 -14.82 6.81
N LYS C 13 -49.24 -15.80 6.24
CA LYS C 13 -49.53 -16.20 4.87
C LYS C 13 -50.95 -16.75 4.75
N TRP C 14 -51.36 -17.58 5.70
CA TRP C 14 -52.70 -18.15 5.68
C TRP C 14 -53.75 -17.11 6.03
N ALA C 15 -53.50 -16.29 7.06
CA ALA C 15 -54.49 -15.28 7.45
C ALA C 15 -54.69 -14.25 6.34
N SER C 16 -53.63 -13.90 5.62
CA SER C 16 -53.74 -12.87 4.59
C SER C 16 -54.64 -13.33 3.44
N LEU C 17 -54.58 -14.61 3.08
CA LEU C 17 -55.48 -15.11 2.05
C LEU C 17 -56.93 -15.05 2.50
N TRP C 18 -57.22 -15.45 3.74
CA TRP C 18 -58.60 -15.39 4.22
C TRP C 18 -59.05 -13.96 4.46
N ASN C 19 -58.14 -13.06 4.86
CA ASN C 19 -58.51 -11.64 4.92
C ASN C 19 -59.04 -11.16 3.58
N TRP C 20 -58.31 -11.48 2.49
CA TRP C 20 -58.76 -11.12 1.15
C TRP C 20 -60.09 -11.77 0.81
N PHE C 21 -60.27 -13.05 1.17
CA PHE C 21 -61.55 -13.69 0.92
C PHE C 21 -62.67 -13.02 1.71
N ASP C 22 -62.42 -12.77 3.01
CA ASP C 22 -63.47 -12.23 3.86
C ASP C 22 -63.86 -10.82 3.44
N ILE C 23 -62.89 -9.98 3.08
CA ILE C 23 -63.20 -8.60 2.73
C ILE C 23 -63.99 -8.54 1.44
N THR C 24 -63.62 -9.36 0.45
CA THR C 24 -64.31 -9.30 -0.84
C THR C 24 -65.74 -9.83 -0.73
N ASN C 25 -65.93 -10.93 0.01
CA ASN C 25 -67.28 -11.45 0.23
C ASN C 25 -68.12 -10.48 1.05
N TRP C 26 -67.48 -9.78 2.00
CA TRP C 26 -68.18 -8.79 2.80
C TRP C 26 -68.60 -7.59 1.95
N LEU C 27 -67.67 -7.07 1.15
CA LEU C 27 -68.01 -5.93 0.31
C LEU C 27 -69.13 -6.28 -0.66
N TRP C 28 -69.23 -7.54 -1.07
CA TRP C 28 -70.28 -7.97 -1.98
C TRP C 28 -71.62 -8.08 -1.25
N TYR C 29 -71.61 -8.49 0.01
CA TYR C 29 -72.85 -8.62 0.76
C TYR C 29 -73.43 -7.25 1.13
N ILE C 30 -72.58 -6.32 1.57
CA ILE C 30 -73.08 -5.04 2.05
C ILE C 30 -73.28 -4.03 0.93
N ARG C 31 -72.90 -4.36 -0.30
CA ARG C 31 -73.01 -3.43 -1.42
C ARG C 31 -73.94 -3.98 -2.49
N GLN D 1 21.22 -7.37 22.29
CA GLN D 1 20.98 -7.03 20.85
C GLN D 1 21.68 -5.72 20.46
N VAL D 2 22.95 -5.85 20.09
CA VAL D 2 23.74 -4.72 19.61
C VAL D 2 23.49 -4.53 18.12
N GLN D 3 23.04 -3.34 17.73
CA GLN D 3 22.74 -3.11 16.33
C GLN D 3 22.83 -1.63 16.00
N LEU D 4 22.99 -1.35 14.71
CA LEU D 4 22.96 0.00 14.16
C LEU D 4 21.83 0.07 13.13
N VAL D 5 20.93 1.03 13.29
CA VAL D 5 19.77 1.18 12.42
C VAL D 5 19.92 2.48 11.65
N GLN D 6 19.91 2.40 10.32
CA GLN D 6 20.14 3.54 9.47
C GLN D 6 18.82 4.03 8.86
N SER D 7 18.80 5.32 8.54
CA SER D 7 17.63 5.94 7.92
C SER D 7 17.41 5.38 6.52
N GLY D 8 16.25 5.70 5.94
CA GLY D 8 15.88 5.12 4.67
C GLY D 8 16.54 5.82 3.48
N SER D 9 16.53 5.10 2.36
CA SER D 9 17.16 5.58 1.13
C SER D 9 16.43 6.81 0.59
N GLU D 10 17.15 7.58 -0.22
CA GLU D 10 16.69 8.91 -0.58
C GLU D 10 17.18 9.29 -1.97
N LEU D 11 16.42 10.17 -2.61
CA LEU D 11 16.78 10.77 -3.89
C LEU D 11 16.95 12.27 -3.68
N LYS D 12 18.05 12.81 -4.19
CA LYS D 12 18.34 14.24 -4.08
C LYS D 12 18.79 14.77 -5.44
N LYS D 13 18.56 16.06 -5.67
CA LYS D 13 19.00 16.70 -6.89
C LYS D 13 20.43 17.19 -6.75
N PRO D 14 21.14 17.36 -7.88
CA PRO D 14 22.49 17.90 -7.81
C PRO D 14 22.50 19.26 -7.14
N GLY D 15 23.50 19.48 -6.28
CA GLY D 15 23.63 20.72 -5.54
C GLY D 15 22.94 20.73 -4.20
N ALA D 16 22.05 19.78 -3.94
CA ALA D 16 21.34 19.73 -2.67
C ALA D 16 22.21 19.08 -1.61
N SER D 17 21.65 18.92 -0.41
CA SER D 17 22.35 18.26 0.69
C SER D 17 21.47 17.14 1.23
N VAL D 18 22.11 16.19 1.90
CA VAL D 18 21.44 15.03 2.46
C VAL D 18 21.98 14.78 3.87
N LYS D 19 21.12 14.22 4.71
CA LYS D 19 21.47 13.88 6.09
C LYS D 19 21.03 12.44 6.33
N VAL D 20 21.99 11.56 6.63
CA VAL D 20 21.75 10.17 6.93
C VAL D 20 21.97 9.94 8.41
N SER D 21 21.13 9.12 9.02
CA SER D 21 21.19 8.89 10.46
C SER D 21 21.52 7.43 10.75
N CYS D 22 22.13 7.20 11.90
CA CYS D 22 22.59 5.87 12.30
C CYS D 22 22.42 5.78 13.82
N LYS D 23 21.42 5.04 14.26
CA LYS D 23 21.08 4.97 15.68
C LYS D 23 21.61 3.66 16.26
N ALA D 24 22.32 3.76 17.38
CA ALA D 24 22.90 2.60 18.04
C ALA D 24 21.99 2.14 19.17
N SER D 25 21.92 0.84 19.37
CA SER D 25 21.14 0.25 20.46
C SER D 25 21.89 -0.96 20.99
N GLY D 26 21.68 -1.24 22.28
CA GLY D 26 22.26 -2.40 22.93
C GLY D 26 23.61 -2.18 23.58
N TYR D 27 24.17 -0.97 23.49
CA TYR D 27 25.43 -0.66 24.15
C TYR D 27 25.47 0.85 24.38
N THR D 28 26.48 1.30 25.11
CA THR D 28 26.62 2.71 25.44
C THR D 28 27.30 3.42 24.28
N PHE D 29 26.56 4.33 23.64
CA PHE D 29 26.97 4.95 22.38
C PHE D 29 28.37 5.57 22.47
N ASN D 30 28.63 6.32 23.52
CA ASN D 30 29.87 7.10 23.61
C ASN D 30 31.07 6.28 24.05
N ASN D 31 30.93 4.96 24.17
CA ASN D 31 32.05 4.11 24.55
C ASN D 31 32.91 3.69 23.37
N TYR D 32 32.41 3.81 22.14
CA TYR D 32 33.14 3.33 20.97
C TYR D 32 33.00 4.33 19.84
N ALA D 33 34.03 4.42 19.01
CA ALA D 33 33.98 5.29 17.85
C ALA D 33 33.00 4.73 16.81
N MET D 34 32.58 5.61 15.91
CA MET D 34 31.76 5.28 14.75
C MET D 34 32.48 5.75 13.50
N ASN D 35 32.37 4.98 12.42
CA ASN D 35 32.96 5.35 11.14
C ASN D 35 31.93 5.20 10.04
N TRP D 36 32.24 5.78 8.88
CA TRP D 36 31.37 5.73 7.72
C TRP D 36 32.10 5.14 6.52
N VAL D 37 31.35 4.39 5.71
CA VAL D 37 31.88 3.69 4.55
C VAL D 37 30.98 3.96 3.35
N ARG D 38 31.60 4.26 2.21
CA ARG D 38 30.90 4.49 0.95
C ARG D 38 31.14 3.33 0.00
N GLN D 39 30.09 2.94 -0.73
CA GLN D 39 30.21 1.92 -1.77
C GLN D 39 29.39 2.38 -2.99
N ALA D 40 30.09 2.85 -4.02
CA ALA D 40 29.42 3.29 -5.24
C ALA D 40 28.98 2.09 -6.07
N PRO D 41 28.06 2.29 -7.02
CA PRO D 41 27.53 1.15 -7.79
C PRO D 41 28.65 0.40 -8.49
N GLY D 42 28.74 -0.90 -8.22
CA GLY D 42 29.72 -1.74 -8.86
C GLY D 42 31.15 -1.56 -8.39
N GLN D 43 31.36 -0.90 -7.27
CA GLN D 43 32.70 -0.59 -6.78
C GLN D 43 32.89 -1.17 -5.38
N GLY D 44 34.10 -0.99 -4.84
CA GLY D 44 34.44 -1.53 -3.54
C GLY D 44 34.13 -0.55 -2.42
N LEU D 45 34.46 -0.99 -1.20
CA LEU D 45 34.22 -0.19 -0.01
C LEU D 45 35.24 0.92 0.11
N GLU D 46 34.79 2.10 0.55
CA GLU D 46 35.69 3.24 0.71
C GLU D 46 35.55 3.80 2.12
N TRP D 47 36.70 3.97 2.79
CA TRP D 47 36.75 4.58 4.11
C TRP D 47 36.49 6.07 3.99
N MET D 48 35.47 6.55 4.68
CA MET D 48 35.15 7.98 4.66
C MET D 48 35.74 8.73 5.84
N GLY D 49 35.96 8.05 6.97
CA GLY D 49 36.41 8.70 8.18
C GLY D 49 35.69 8.21 9.41
N TRP D 50 36.07 8.71 10.59
CA TRP D 50 35.47 8.29 11.84
C TRP D 50 35.17 9.51 12.70
N ILE D 51 34.34 9.30 13.73
CA ILE D 51 34.00 10.36 14.67
C ILE D 51 34.15 9.82 16.09
N ASN D 52 34.75 10.63 16.96
CA ASN D 52 34.85 10.34 18.38
C ASN D 52 33.50 10.64 19.03
N THR D 53 32.83 9.59 19.50
CA THR D 53 31.51 9.74 20.10
C THR D 53 31.57 10.24 21.53
N ASN D 54 32.77 10.30 22.13
CA ASN D 54 32.92 10.86 23.46
C ASN D 54 33.15 12.36 23.42
N THR D 55 33.78 12.87 22.35
CA THR D 55 34.08 14.28 22.23
C THR D 55 33.30 14.96 21.12
N GLY D 56 32.82 14.21 20.13
CA GLY D 56 32.17 14.77 18.97
C GLY D 56 33.10 15.22 17.86
N ASN D 57 34.38 15.00 17.99
CA ASN D 57 35.34 15.49 17.01
C ASN D 57 35.37 14.57 15.80
N PRO D 58 35.13 15.08 14.59
CA PRO D 58 35.21 14.23 13.39
C PRO D 58 36.58 14.29 12.72
N THR D 59 36.95 13.15 12.14
CA THR D 59 38.19 13.02 11.38
C THR D 59 37.89 12.44 10.00
N TYR D 60 37.93 13.29 8.98
CA TYR D 60 37.57 12.88 7.63
C TYR D 60 38.76 12.20 6.94
N GLY D 61 38.49 11.09 6.29
CA GLY D 61 39.52 10.39 5.56
C GLY D 61 39.95 11.16 4.33
N GLN D 62 41.10 10.77 3.78
CA GLN D 62 41.59 11.38 2.55
C GLN D 62 40.55 11.23 1.45
N GLY D 63 40.22 12.35 0.80
CA GLY D 63 39.23 12.36 -0.25
C GLY D 63 37.83 12.72 0.16
N PHE D 64 37.59 12.92 1.45
CA PHE D 64 36.27 13.26 1.97
C PHE D 64 36.32 14.54 2.77
N THR D 65 37.02 15.51 2.23
CA THR D 65 37.16 16.84 2.79
C THR D 65 36.15 17.78 2.15
N GLY D 66 35.78 18.83 2.88
CA GLY D 66 34.91 19.84 2.33
C GLY D 66 33.43 19.59 2.53
N ARG D 67 32.86 18.73 1.70
CA ARG D 67 31.42 18.58 1.58
C ARG D 67 30.80 17.62 2.59
N PHE D 68 31.59 16.96 3.42
CA PHE D 68 31.12 15.91 4.31
C PHE D 68 31.20 16.33 5.77
N VAL D 69 30.13 16.05 6.53
CA VAL D 69 30.08 16.40 7.94
C VAL D 69 29.60 15.20 8.74
N PHE D 70 30.39 14.78 9.73
CA PHE D 70 29.96 13.82 10.74
C PHE D 70 29.51 14.60 11.96
N SER D 71 28.38 14.22 12.54
CA SER D 71 27.89 14.85 13.75
C SER D 71 27.21 13.79 14.61
N LEU D 72 26.78 14.22 15.80
CA LEU D 72 26.20 13.30 16.76
C LEU D 72 25.06 13.96 17.51
N ASP D 73 24.15 13.11 18.03
CA ASP D 73 23.18 13.49 19.06
C ASP D 73 23.25 12.37 20.11
N THR D 74 24.12 12.53 21.10
CA THR D 74 24.32 11.45 22.07
C THR D 74 23.07 11.20 22.90
N SER D 75 22.24 12.21 23.12
CA SER D 75 21.02 12.00 23.90
C SER D 75 20.11 10.95 23.27
N VAL D 76 20.22 10.72 21.96
CA VAL D 76 19.45 9.69 21.28
C VAL D 76 20.35 8.67 20.60
N SER D 77 21.61 8.59 21.03
CA SER D 77 22.54 7.55 20.61
C SER D 77 22.62 7.43 19.09
N THR D 78 22.69 8.57 18.41
CA THR D 78 22.63 8.61 16.96
C THR D 78 23.80 9.40 16.39
N ALA D 79 24.40 8.87 15.34
CA ALA D 79 25.42 9.54 14.55
C ALA D 79 24.84 9.92 13.19
N TYR D 80 25.30 11.05 12.67
CA TYR D 80 24.76 11.58 11.41
C TYR D 80 25.88 11.80 10.38
N LEU D 81 25.51 11.62 9.12
CA LEU D 81 26.37 11.92 7.98
C LEU D 81 25.64 12.92 7.10
N GLN D 82 26.26 14.07 6.87
CA GLN D 82 25.72 15.11 6.01
C GLN D 82 26.66 15.29 4.82
N ILE D 83 26.07 15.29 3.61
CA ILE D 83 26.80 15.58 2.38
C ILE D 83 26.16 16.81 1.76
N SER D 84 26.99 17.81 1.47
CA SER D 84 26.54 19.07 0.89
C SER D 84 26.96 19.14 -0.58
N SER D 85 26.29 20.03 -1.31
CA SER D 85 26.58 20.29 -2.73
C SER D 85 26.72 18.97 -3.50
N LEU D 86 25.65 18.18 -3.46
CA LEU D 86 25.71 16.81 -3.93
C LEU D 86 26.02 16.73 -5.42
N LYS D 87 26.76 15.69 -5.78
CA LYS D 87 27.13 15.41 -7.17
C LYS D 87 26.54 14.08 -7.60
N THR D 88 26.35 13.93 -8.91
CA THR D 88 25.87 12.67 -9.47
C THR D 88 26.72 11.51 -8.98
N GLU D 89 28.04 11.72 -8.89
CA GLU D 89 28.95 10.67 -8.49
C GLU D 89 28.87 10.34 -7.01
N ASP D 90 28.12 11.11 -6.22
CA ASP D 90 27.87 10.75 -4.82
C ASP D 90 26.86 9.62 -4.67
N THR D 91 26.23 9.18 -5.77
CA THR D 91 25.29 8.08 -5.74
C THR D 91 25.99 6.83 -5.21
N ALA D 92 25.51 6.32 -4.08
CA ALA D 92 26.17 5.17 -3.47
C ALA D 92 25.35 4.69 -2.28
N VAL D 93 25.74 3.53 -1.74
CA VAL D 93 25.29 3.06 -0.44
C VAL D 93 26.27 3.56 0.60
N TYR D 94 25.73 4.11 1.69
CA TYR D 94 26.53 4.64 2.78
C TYR D 94 26.27 3.80 4.03
N TYR D 95 27.33 3.25 4.58
CA TYR D 95 27.25 2.42 5.79
C TYR D 95 27.83 3.19 6.97
N CYS D 96 27.20 3.02 8.14
CA CYS D 96 27.86 3.31 9.41
C CYS D 96 28.29 2.00 10.04
N ALA D 97 29.37 2.06 10.81
CA ALA D 97 29.87 0.88 11.51
C ALA D 97 30.54 1.32 12.80
N ARG D 98 30.59 0.41 13.76
CA ARG D 98 31.30 0.66 15.00
C ARG D 98 32.78 0.43 14.76
N PHE D 99 33.60 1.45 15.05
CA PHE D 99 35.03 1.43 14.75
C PHE D 99 35.80 1.14 16.03
N ARG D 100 36.26 -0.11 16.16
CA ARG D 100 36.95 -0.58 17.35
C ARG D 100 38.47 -0.46 17.18
N VAL D 101 39.15 -0.16 18.29
CA VAL D 101 40.61 -0.01 18.30
C VAL D 101 41.14 -0.63 19.58
N ALA D 102 42.30 -1.27 19.49
CA ALA D 102 42.94 -1.89 20.64
C ALA D 102 44.44 -1.89 20.43
N PRO D 103 45.24 -1.93 21.50
CA PRO D 103 46.69 -1.90 21.33
C PRO D 103 47.22 -3.23 20.80
N ALA D 104 48.14 -3.14 19.84
CA ALA D 104 48.69 -4.32 19.21
C ALA D 104 49.80 -4.93 20.06
N ALA D 105 50.28 -6.09 19.62
CA ALA D 105 51.38 -6.75 20.32
C ALA D 105 52.66 -5.92 20.26
N GLN D 106 52.86 -5.17 19.18
CA GLN D 106 54.04 -4.35 19.01
C GLN D 106 53.79 -2.96 19.58
N ARG D 107 54.71 -2.48 20.39
CA ARG D 107 54.52 -1.20 21.07
C ARG D 107 54.44 -0.06 20.05
N GLY D 108 53.55 0.89 20.35
CA GLY D 108 53.31 2.00 19.45
C GLY D 108 52.36 1.69 18.32
N TYR D 109 51.76 0.51 18.31
CA TYR D 109 50.87 0.11 17.23
C TYR D 109 49.54 -0.37 17.78
N PHE D 110 48.53 -0.29 16.92
CA PHE D 110 47.18 -0.68 17.26
C PHE D 110 46.62 -1.51 16.12
N TYR D 111 45.55 -2.23 16.41
CA TYR D 111 44.76 -2.88 15.37
C TYR D 111 43.33 -2.34 15.47
N TYR D 112 42.62 -2.43 14.35
CA TYR D 112 41.33 -1.80 14.21
C TYR D 112 40.40 -2.75 13.48
N TYR D 113 39.11 -2.63 13.76
CA TYR D 113 38.13 -3.48 13.10
C TYR D 113 36.74 -2.91 13.29
N MET D 114 35.87 -3.25 12.37
CA MET D 114 34.48 -2.78 12.33
C MET D 114 33.61 -3.99 12.63
N ASP D 115 33.18 -4.11 13.89
CA ASP D 115 32.54 -5.35 14.32
C ASP D 115 31.03 -5.36 14.10
N VAL D 116 30.38 -4.20 14.15
CA VAL D 116 28.94 -4.09 13.91
C VAL D 116 28.72 -3.09 12.79
N TRP D 117 27.80 -3.42 11.87
CA TRP D 117 27.53 -2.60 10.70
C TRP D 117 26.05 -2.27 10.61
N GLY D 118 25.74 -1.06 10.16
CA GLY D 118 24.40 -0.75 9.72
C GLY D 118 24.12 -1.40 8.37
N LYS D 119 22.84 -1.44 8.00
CA LYS D 119 22.46 -2.11 6.77
C LYS D 119 22.66 -1.24 5.53
N GLY D 120 23.01 0.01 5.70
CA GLY D 120 23.27 0.88 4.58
C GLY D 120 22.07 1.75 4.21
N THR D 121 22.37 2.96 3.76
CA THR D 121 21.38 3.89 3.22
C THR D 121 21.81 4.24 1.80
N THR D 122 20.91 4.03 0.83
CA THR D 122 21.21 4.38 -0.55
C THR D 122 20.85 5.84 -0.79
N VAL D 123 21.81 6.60 -1.31
CA VAL D 123 21.59 7.98 -1.73
C VAL D 123 21.82 8.04 -3.23
N THR D 124 20.78 8.42 -3.97
CA THR D 124 20.85 8.60 -5.41
C THR D 124 20.73 10.09 -5.72
N VAL D 125 21.63 10.60 -6.55
CA VAL D 125 21.64 12.00 -6.95
C VAL D 125 21.33 12.05 -8.43
N SER D 126 20.21 12.71 -8.77
CA SER D 126 19.74 12.75 -10.15
C SER D 126 18.87 13.98 -10.33
N SER D 127 18.84 14.49 -11.55
CA SER D 127 17.93 15.59 -11.88
C SER D 127 16.48 15.14 -12.02
N ALA D 128 16.25 13.84 -12.15
CA ALA D 128 14.90 13.31 -12.23
C ALA D 128 14.29 13.18 -10.84
N SER D 129 12.96 13.28 -10.78
CA SER D 129 12.24 13.16 -9.52
C SER D 129 11.84 11.71 -9.24
N THR D 130 11.48 11.45 -7.98
CA THR D 130 11.14 10.10 -7.56
C THR D 130 9.78 9.70 -8.11
N LYS D 131 9.63 8.39 -8.34
CA LYS D 131 8.36 7.82 -8.77
C LYS D 131 8.11 6.53 -8.01
N GLY D 132 6.96 6.43 -7.35
CA GLY D 132 6.59 5.23 -6.64
C GLY D 132 6.23 4.12 -7.59
N PRO D 133 6.34 2.87 -7.15
CA PRO D 133 6.03 1.75 -8.04
C PRO D 133 4.53 1.47 -8.16
N SER D 134 4.17 0.91 -9.31
CA SER D 134 2.90 0.19 -9.46
C SER D 134 3.20 -1.30 -9.27
N VAL D 135 2.39 -1.96 -8.46
CA VAL D 135 2.62 -3.36 -8.10
C VAL D 135 1.50 -4.20 -8.70
N PHE D 136 1.87 -5.21 -9.49
CA PHE D 136 0.90 -6.07 -10.13
C PHE D 136 1.13 -7.52 -9.75
N PRO D 137 0.07 -8.31 -9.62
CA PRO D 137 0.26 -9.72 -9.22
C PRO D 137 0.76 -10.56 -10.38
N LEU D 138 1.63 -11.52 -10.05
CA LEU D 138 2.03 -12.59 -10.97
C LEU D 138 1.31 -13.83 -10.45
N ALA D 139 0.11 -14.06 -10.96
CA ALA D 139 -0.76 -15.07 -10.40
C ALA D 139 -0.25 -16.48 -10.73
N PRO D 140 -0.47 -17.44 -9.83
CA PRO D 140 -0.12 -18.83 -10.15
C PRO D 140 -1.09 -19.40 -11.17
N SER D 141 -0.59 -20.33 -11.98
CA SER D 141 -1.42 -20.93 -13.02
C SER D 141 -0.86 -22.31 -13.37
N SER D 142 -1.55 -23.00 -14.29
CA SER D 142 -1.06 -24.30 -14.74
C SER D 142 0.35 -24.19 -15.31
N LYS D 143 0.65 -23.08 -15.98
CA LYS D 143 1.98 -22.87 -16.54
C LYS D 143 2.99 -22.40 -15.50
N SER D 144 2.55 -22.05 -14.30
CA SER D 144 3.45 -21.77 -13.20
C SER D 144 3.57 -22.94 -12.23
N THR D 145 2.92 -24.07 -12.54
CA THR D 145 2.93 -25.25 -11.68
C THR D 145 3.53 -26.43 -12.44
N SER D 146 4.28 -27.27 -11.73
CA SER D 146 4.73 -28.55 -12.29
C SER D 146 5.14 -29.46 -11.15
N GLY D 147 4.46 -30.58 -10.98
CA GLY D 147 4.81 -31.53 -9.92
C GLY D 147 4.52 -31.10 -8.51
N GLY D 148 3.38 -30.46 -8.28
CA GLY D 148 2.93 -30.12 -6.95
C GLY D 148 3.45 -28.81 -6.39
N THR D 149 4.26 -28.08 -7.12
CA THR D 149 4.76 -26.78 -6.68
C THR D 149 4.35 -25.72 -7.70
N ALA D 150 3.95 -24.56 -7.21
CA ALA D 150 3.55 -23.43 -8.04
C ALA D 150 4.42 -22.23 -7.75
N ALA D 151 4.62 -21.39 -8.77
CA ALA D 151 5.32 -20.13 -8.62
C ALA D 151 4.31 -18.99 -8.70
N LEU D 152 4.40 -18.04 -7.77
CA LEU D 152 3.60 -16.83 -7.78
C LEU D 152 4.51 -15.67 -7.39
N GLY D 153 4.08 -14.45 -7.71
CA GLY D 153 4.96 -13.33 -7.44
C GLY D 153 4.26 -12.00 -7.59
N CYS D 154 5.08 -10.95 -7.44
CA CYS D 154 4.66 -9.56 -7.65
C CYS D 154 5.62 -8.90 -8.63
N LEU D 155 5.03 -8.13 -9.53
CA LEU D 155 5.77 -7.29 -10.46
C LEU D 155 5.77 -5.87 -9.93
N VAL D 156 6.96 -5.37 -9.59
CA VAL D 156 7.13 -4.00 -9.11
C VAL D 156 7.63 -3.19 -10.29
N LYS D 157 6.77 -2.36 -10.86
CA LYS D 157 7.03 -1.76 -12.16
C LYS D 157 7.18 -0.25 -12.10
N ASP D 158 8.16 0.26 -12.84
CA ASP D 158 8.29 1.67 -13.20
C ASP D 158 8.45 2.57 -11.96
N TYR D 159 9.56 2.36 -11.25
CA TYR D 159 9.90 3.19 -10.10
C TYR D 159 11.28 3.83 -10.28
N PHE D 160 11.54 4.89 -9.50
CA PHE D 160 12.81 5.58 -9.52
C PHE D 160 12.99 6.33 -8.20
N PRO D 161 14.16 6.26 -7.55
CA PRO D 161 15.36 5.49 -7.91
C PRO D 161 15.35 4.11 -7.24
N GLU D 162 16.45 3.37 -7.32
CA GLU D 162 16.62 2.22 -6.45
C GLU D 162 16.75 2.70 -5.00
N PRO D 163 16.50 1.83 -4.02
CA PRO D 163 16.09 0.43 -4.12
C PRO D 163 14.65 0.21 -3.68
N VAL D 164 14.06 -0.93 -4.00
CA VAL D 164 12.84 -1.41 -3.35
C VAL D 164 13.18 -2.71 -2.64
N THR D 165 12.58 -2.91 -1.48
CA THR D 165 12.64 -4.19 -0.77
C THR D 165 11.28 -4.86 -0.83
N VAL D 166 11.26 -6.18 -0.90
CA VAL D 166 10.04 -6.95 -0.94
C VAL D 166 10.08 -8.02 0.16
N SER D 167 9.02 -8.10 0.94
CA SER D 167 8.81 -9.21 1.85
C SER D 167 7.52 -9.91 1.47
N TRP D 168 7.30 -11.09 2.05
CA TRP D 168 6.08 -11.84 1.86
C TRP D 168 5.47 -12.13 3.23
N ASN D 169 4.16 -11.88 3.34
CA ASN D 169 3.41 -12.07 4.58
C ASN D 169 4.14 -11.43 5.76
N SER D 170 4.58 -10.19 5.55
CA SER D 170 5.22 -9.39 6.60
C SER D 170 6.42 -10.12 7.21
N GLY D 171 7.14 -10.87 6.39
CA GLY D 171 8.27 -11.66 6.85
C GLY D 171 7.93 -13.04 7.34
N ALA D 172 6.65 -13.41 7.40
CA ALA D 172 6.28 -14.75 7.85
C ALA D 172 6.71 -15.82 6.85
N LEU D 173 6.77 -15.47 5.57
CA LEU D 173 7.13 -16.39 4.49
C LEU D 173 8.51 -16.00 3.99
N THR D 174 9.47 -16.88 4.19
CA THR D 174 10.85 -16.61 3.77
C THR D 174 11.38 -17.74 2.90
N SER D 175 10.95 -18.97 3.18
CA SER D 175 11.43 -20.11 2.41
C SER D 175 10.81 -20.12 1.01
N GLY D 176 11.66 -20.31 0.00
CA GLY D 176 11.23 -20.32 -1.37
C GLY D 176 11.04 -18.97 -2.00
N VAL D 177 11.50 -17.91 -1.37
CA VAL D 177 11.35 -16.55 -1.89
C VAL D 177 12.63 -16.16 -2.63
N HIS D 178 12.47 -15.53 -3.79
CA HIS D 178 13.60 -14.87 -4.46
C HIS D 178 13.12 -13.56 -5.05
N THR D 179 13.78 -12.48 -4.67
CA THR D 179 13.55 -11.17 -5.27
C THR D 179 14.73 -10.86 -6.18
N PHE D 180 14.42 -10.57 -7.45
CA PHE D 180 15.44 -10.41 -8.46
C PHE D 180 16.03 -9.01 -8.44
N PRO D 181 17.23 -8.85 -8.99
CA PRO D 181 17.76 -7.50 -9.22
C PRO D 181 16.86 -6.74 -10.19
N ALA D 182 16.91 -5.42 -10.08
CA ALA D 182 16.08 -4.56 -10.92
C ALA D 182 16.66 -4.48 -12.33
N VAL D 183 15.78 -4.21 -13.28
CA VAL D 183 16.16 -3.96 -14.67
C VAL D 183 15.87 -2.49 -14.95
N LEU D 184 16.74 -1.85 -15.72
CA LEU D 184 16.59 -0.44 -16.09
C LEU D 184 16.00 -0.38 -17.49
N GLN D 185 14.87 0.29 -17.63
CA GLN D 185 14.16 0.38 -18.89
C GLN D 185 14.59 1.61 -19.69
N SER D 186 14.34 1.56 -21.00
CA SER D 186 14.73 2.66 -21.86
C SER D 186 14.12 3.99 -21.40
N SER D 187 13.06 3.94 -20.59
CA SER D 187 12.41 5.15 -20.11
C SER D 187 13.12 5.76 -18.91
N GLY D 188 14.17 5.13 -18.41
CA GLY D 188 14.84 5.59 -17.22
C GLY D 188 14.22 5.13 -15.91
N LEU D 189 13.17 4.33 -15.96
CA LEU D 189 12.52 3.79 -14.77
C LEU D 189 12.91 2.34 -14.58
N TYR D 190 12.89 1.91 -13.32
CA TYR D 190 13.26 0.56 -12.94
C TYR D 190 12.04 -0.34 -12.78
N SER D 191 12.27 -1.64 -12.88
CA SER D 191 11.26 -2.64 -12.55
C SER D 191 11.97 -3.85 -11.96
N LEU D 192 11.26 -4.58 -11.09
CA LEU D 192 11.76 -5.85 -10.59
C LEU D 192 10.59 -6.76 -10.27
N SER D 193 10.91 -8.01 -9.96
CA SER D 193 9.93 -9.04 -9.61
C SER D 193 10.42 -9.78 -8.38
N SER D 194 9.46 -10.20 -7.55
CA SER D 194 9.71 -11.11 -6.44
C SER D 194 8.82 -12.32 -6.63
N VAL D 195 9.37 -13.51 -6.43
CA VAL D 195 8.64 -14.75 -6.67
C VAL D 195 8.82 -15.67 -5.46
N VAL D 196 7.82 -16.50 -5.21
CA VAL D 196 7.89 -17.53 -4.18
C VAL D 196 7.32 -18.81 -4.77
N THR D 197 8.00 -19.93 -4.54
CA THR D 197 7.52 -21.25 -4.93
C THR D 197 6.85 -21.89 -3.73
N VAL D 198 5.61 -22.35 -3.92
CA VAL D 198 4.82 -22.91 -2.83
C VAL D 198 4.18 -24.21 -3.28
N PRO D 199 3.65 -25.03 -2.36
CA PRO D 199 2.88 -26.20 -2.78
C PRO D 199 1.61 -25.76 -3.49
N SER D 200 1.37 -26.32 -4.68
CA SER D 200 0.18 -25.94 -5.43
C SER D 200 -1.10 -26.23 -4.65
N SER D 201 -1.07 -27.19 -3.73
CA SER D 201 -2.23 -27.50 -2.92
C SER D 201 -2.56 -26.39 -1.92
N SER D 202 -1.61 -25.50 -1.64
CA SER D 202 -1.83 -24.41 -0.70
C SER D 202 -2.59 -23.25 -1.32
N LEU D 203 -2.74 -23.22 -2.65
CA LEU D 203 -3.27 -22.04 -3.31
C LEU D 203 -4.72 -21.77 -2.97
N GLY D 204 -5.44 -22.75 -2.44
CA GLY D 204 -6.84 -22.52 -2.13
C GLY D 204 -7.11 -22.15 -0.69
N THR D 205 -6.10 -22.28 0.17
CA THR D 205 -6.24 -22.06 1.60
C THR D 205 -5.35 -20.96 2.15
N GLN D 206 -4.15 -20.79 1.61
CA GLN D 206 -3.20 -19.81 2.11
C GLN D 206 -3.32 -18.49 1.38
N THR D 207 -3.11 -17.40 2.11
CA THR D 207 -3.06 -16.07 1.53
C THR D 207 -1.59 -15.69 1.38
N TYR D 208 -1.25 -15.15 0.21
CA TYR D 208 0.10 -14.72 -0.09
C TYR D 208 0.06 -13.24 -0.40
N ILE D 209 0.82 -12.45 0.35
CA ILE D 209 0.83 -11.00 0.26
C ILE D 209 2.27 -10.56 0.13
N CYS D 210 2.61 -9.88 -0.96
CA CYS D 210 3.92 -9.24 -1.08
C CYS D 210 3.84 -7.83 -0.50
N ASN D 211 4.80 -7.49 0.34
CA ASN D 211 4.95 -6.16 0.92
C ASN D 211 6.11 -5.47 0.23
N VAL D 212 5.82 -4.38 -0.47
CA VAL D 212 6.82 -3.67 -1.29
C VAL D 212 7.09 -2.33 -0.64
N ASN D 213 8.36 -2.07 -0.35
CA ASN D 213 8.80 -0.80 0.24
C ASN D 213 9.68 -0.04 -0.75
N HIS D 214 9.35 1.24 -0.96
CA HIS D 214 10.16 2.16 -1.78
C HIS D 214 10.35 3.41 -0.93
N LYS D 215 11.40 3.42 -0.12
CA LYS D 215 11.61 4.56 0.78
C LYS D 215 11.82 5.87 0.03
N PRO D 216 12.53 5.92 -1.10
CA PRO D 216 12.77 7.23 -1.75
C PRO D 216 11.51 8.00 -2.09
N SER D 217 10.43 7.31 -2.41
CA SER D 217 9.14 7.94 -2.68
C SER D 217 8.19 7.80 -1.50
N ASN D 218 8.64 7.24 -0.39
CA ASN D 218 7.83 7.11 0.82
C ASN D 218 6.57 6.29 0.55
N THR D 219 6.72 5.20 -0.20
CA THR D 219 5.59 4.37 -0.61
C THR D 219 5.75 2.96 -0.07
N LYS D 220 4.66 2.40 0.47
CA LYS D 220 4.58 0.98 0.81
C LYS D 220 3.31 0.41 0.19
N VAL D 221 3.44 -0.70 -0.51
CA VAL D 221 2.32 -1.35 -1.17
C VAL D 221 2.24 -2.80 -0.68
N ASP D 222 1.05 -3.21 -0.26
CA ASP D 222 0.74 -4.62 0.02
C ASP D 222 -0.21 -5.12 -1.08
N LYS D 223 0.14 -6.25 -1.69
CA LYS D 223 -0.65 -6.84 -2.76
C LYS D 223 -0.86 -8.32 -2.48
N LYS D 224 -2.12 -8.73 -2.36
CA LYS D 224 -2.46 -10.13 -2.23
C LYS D 224 -2.49 -10.77 -3.61
N VAL D 225 -1.80 -11.90 -3.77
CA VAL D 225 -1.68 -12.61 -5.04
C VAL D 225 -2.50 -13.89 -4.95
N GLU D 226 -3.47 -14.03 -5.83
CA GLU D 226 -4.41 -15.16 -5.83
C GLU D 226 -4.52 -15.76 -7.21
N PRO D 227 -4.96 -17.01 -7.31
CA PRO D 227 -5.14 -17.62 -8.63
C PRO D 227 -6.14 -16.83 -9.45
N LYS D 228 -6.10 -17.05 -10.76
CA LYS D 228 -6.85 -16.23 -11.72
C LYS D 228 -8.24 -16.80 -11.95
N SER D 229 -9.21 -15.89 -12.05
CA SER D 229 -10.59 -16.28 -12.29
C SER D 229 -10.76 -16.71 -13.75
N CYS D 230 -11.15 -17.96 -13.95
CA CYS D 230 -11.33 -18.52 -15.29
C CYS D 230 -9.99 -18.65 -15.99
N SER E 2 50.05 5.43 -0.12
CA SER E 2 50.06 3.99 -0.38
C SER E 2 48.65 3.43 -0.27
N GLU E 3 48.33 2.48 -1.15
CA GLU E 3 47.05 1.79 -1.12
C GLU E 3 47.27 0.30 -0.95
N LEU E 4 46.19 -0.41 -0.63
CA LEU E 4 46.22 -1.85 -0.43
C LEU E 4 45.71 -2.52 -1.70
N THR E 5 46.56 -3.32 -2.35
CA THR E 5 46.22 -3.90 -3.64
C THR E 5 45.85 -5.36 -3.46
N GLN E 6 44.92 -5.82 -4.28
CA GLN E 6 44.25 -7.10 -4.08
C GLN E 6 43.84 -7.65 -5.45
N ASP E 7 44.03 -8.94 -5.64
CA ASP E 7 43.65 -9.56 -6.90
C ASP E 7 42.16 -9.35 -7.13
N PRO E 8 41.74 -8.95 -8.33
CA PRO E 8 40.30 -8.73 -8.55
C PRO E 8 39.48 -10.01 -8.45
N THR E 9 39.97 -11.12 -8.98
CA THR E 9 39.22 -12.37 -9.03
C THR E 9 40.11 -13.54 -8.63
N VAL E 10 39.48 -14.55 -8.02
CA VAL E 10 40.17 -15.77 -7.62
C VAL E 10 39.16 -16.91 -7.65
N SER E 11 39.64 -18.10 -8.00
CA SER E 11 38.78 -19.27 -8.13
C SER E 11 39.30 -20.42 -7.28
N VAL E 12 38.36 -21.23 -6.78
CA VAL E 12 38.64 -22.38 -5.93
C VAL E 12 37.71 -23.52 -6.36
N ALA E 13 38.03 -24.72 -5.89
CA ALA E 13 37.21 -25.89 -6.12
C ALA E 13 36.64 -26.40 -4.80
N LEU E 14 35.41 -26.89 -4.85
CA LEU E 14 34.75 -27.37 -3.64
C LEU E 14 35.65 -28.29 -2.84
N GLY E 15 35.84 -27.95 -1.56
CA GLY E 15 36.66 -28.74 -0.67
C GLY E 15 38.12 -28.35 -0.63
N GLN E 16 38.62 -27.72 -1.69
CA GLN E 16 40.01 -27.29 -1.73
C GLN E 16 40.18 -25.97 -0.97
N THR E 17 41.44 -25.55 -0.86
CA THR E 17 41.78 -24.35 -0.11
C THR E 17 42.24 -23.24 -1.05
N VAL E 18 41.95 -22.01 -0.63
CA VAL E 18 42.32 -20.81 -1.39
C VAL E 18 42.76 -19.74 -0.41
N THR E 19 43.69 -18.90 -0.84
CA THR E 19 44.21 -17.81 -0.02
C THR E 19 44.06 -16.51 -0.79
N ILE E 20 43.29 -15.58 -0.23
CA ILE E 20 43.17 -14.22 -0.76
C ILE E 20 44.18 -13.36 -0.02
N THR E 21 45.00 -12.63 -0.78
CA THR E 21 46.13 -11.89 -0.22
C THR E 21 46.00 -10.41 -0.57
N CYS E 22 46.30 -9.57 0.41
CA CYS E 22 46.36 -8.13 0.29
C CYS E 22 47.83 -7.71 0.36
N GLN E 23 48.20 -6.70 -0.42
CA GLN E 23 49.58 -6.26 -0.49
C GLN E 23 49.66 -4.75 -0.27
N GLY E 24 50.53 -4.34 0.64
CA GLY E 24 50.73 -2.94 0.94
C GLY E 24 51.85 -2.70 1.93
N ASP E 25 52.57 -1.59 1.78
CA ASP E 25 53.70 -1.31 2.66
C ASP E 25 53.28 -1.27 4.12
N SER E 26 52.10 -0.69 4.40
CA SER E 26 51.65 -0.57 5.78
C SER E 26 51.44 -1.94 6.43
N LEU E 27 51.16 -2.97 5.63
CA LEU E 27 50.95 -4.30 6.18
C LEU E 27 52.21 -4.89 6.79
N ARG E 28 53.36 -4.26 6.60
CA ARG E 28 54.58 -4.70 7.26
C ARG E 28 54.58 -4.32 8.74
N TRP E 29 53.72 -3.38 9.14
CA TRP E 29 53.71 -2.93 10.53
C TRP E 29 52.34 -3.03 11.20
N TYR E 30 51.27 -2.92 10.41
CA TYR E 30 49.92 -2.96 10.95
C TYR E 30 49.21 -4.22 10.48
N SER E 31 48.38 -4.78 11.35
CA SER E 31 47.58 -5.93 10.97
C SER E 31 46.40 -5.50 10.11
N ALA E 32 45.78 -6.48 9.46
CA ALA E 32 44.61 -6.26 8.65
C ALA E 32 43.39 -6.90 9.31
N SER E 33 42.23 -6.34 9.03
CA SER E 33 40.96 -7.01 9.28
C SER E 33 40.36 -7.36 7.93
N TRP E 34 39.56 -8.42 7.90
CA TRP E 34 38.99 -8.95 6.67
C TRP E 34 37.48 -9.02 6.75
N TYR E 35 36.81 -8.66 5.65
CA TYR E 35 35.36 -8.58 5.57
C TYR E 35 34.85 -9.33 4.36
N GLN E 36 33.73 -10.03 4.54
CA GLN E 36 33.03 -10.72 3.48
C GLN E 36 31.78 -9.91 3.14
N GLN E 37 31.49 -9.81 1.84
CA GLN E 37 30.27 -9.16 1.39
C GLN E 37 29.65 -10.03 0.31
N LYS E 38 28.49 -10.59 0.60
CA LYS E 38 27.76 -11.31 -0.42
C LYS E 38 26.84 -10.35 -1.17
N PRO E 39 26.50 -10.67 -2.42
CA PRO E 39 25.76 -9.70 -3.25
C PRO E 39 24.52 -9.19 -2.54
N GLY E 40 24.42 -7.86 -2.43
CA GLY E 40 23.29 -7.23 -1.79
C GLY E 40 23.32 -7.21 -0.27
N GLN E 41 24.27 -7.89 0.36
CA GLN E 41 24.34 -7.99 1.81
C GLN E 41 25.29 -6.96 2.40
N THR E 42 25.20 -6.76 3.72
CA THR E 42 26.15 -5.88 4.37
C THR E 42 27.43 -6.66 4.70
N PRO E 43 28.58 -5.99 4.70
CA PRO E 43 29.84 -6.68 5.03
C PRO E 43 29.80 -7.25 6.46
N VAL E 44 30.54 -8.33 6.67
CA VAL E 44 30.65 -8.99 7.96
C VAL E 44 32.13 -9.19 8.28
N LEU E 45 32.50 -8.91 9.53
CA LEU E 45 33.88 -9.06 9.96
C LEU E 45 34.26 -10.53 10.06
N LEU E 46 35.35 -10.90 9.38
CA LEU E 46 35.81 -12.29 9.37
C LEU E 46 37.00 -12.50 10.29
N ILE E 47 38.05 -11.70 10.12
CA ILE E 47 39.29 -11.82 10.87
C ILE E 47 39.73 -10.42 11.25
N TYR E 48 40.21 -10.25 12.49
CA TYR E 48 40.73 -9.00 12.97
C TYR E 48 42.04 -9.27 13.71
N ASN E 49 42.89 -8.26 13.78
CA ASN E 49 44.22 -8.40 14.38
C ASN E 49 44.98 -9.55 13.72
N LYS E 50 45.04 -9.50 12.39
CA LYS E 50 45.84 -10.43 11.60
C LYS E 50 45.24 -11.83 11.52
N ASP E 51 44.88 -12.41 12.68
CA ASP E 51 44.40 -13.78 12.65
C ASP E 51 43.41 -14.16 13.75
N ASN E 52 42.80 -13.19 14.42
CA ASN E 52 41.77 -13.47 15.41
C ASN E 52 40.43 -13.60 14.72
N ARG E 53 39.61 -14.54 15.19
CA ARG E 53 38.34 -14.86 14.57
C ARG E 53 37.21 -14.51 15.50
N PRO E 54 36.25 -13.67 15.10
CA PRO E 54 35.11 -13.41 15.99
C PRO E 54 34.29 -14.67 16.22
N SER E 55 33.56 -14.68 17.34
CA SER E 55 32.69 -15.80 17.65
C SER E 55 31.56 -15.84 16.63
N GLY E 56 31.39 -16.98 15.96
CA GLY E 56 30.40 -17.14 14.93
C GLY E 56 30.94 -17.41 13.54
N ILE E 57 32.24 -17.22 13.30
CA ILE E 57 32.84 -17.42 11.99
C ILE E 57 33.34 -18.85 11.97
N PRO E 58 33.06 -19.64 10.93
CA PRO E 58 33.55 -21.03 10.91
C PRO E 58 35.07 -21.08 10.89
N ASP E 59 35.62 -22.20 11.36
CA ASP E 59 37.06 -22.37 11.47
C ASP E 59 37.75 -22.46 10.12
N ARG E 60 36.99 -22.55 9.03
CA ARG E 60 37.59 -22.55 7.71
C ARG E 60 38.41 -21.30 7.45
N PHE E 61 38.01 -20.19 8.03
CA PHE E 61 38.62 -18.89 7.74
C PHE E 61 39.79 -18.65 8.69
N SER E 62 40.93 -18.28 8.11
CA SER E 62 42.17 -18.07 8.85
C SER E 62 42.85 -16.84 8.31
N GLY E 63 43.61 -16.17 9.18
CA GLY E 63 44.34 -14.97 8.80
C GLY E 63 45.82 -15.16 9.05
N SER E 64 46.63 -14.54 8.19
CA SER E 64 48.08 -14.61 8.32
C SER E 64 48.69 -13.36 7.70
N SER E 65 50.01 -13.24 7.81
CA SER E 65 50.73 -12.08 7.30
C SER E 65 52.18 -12.48 7.03
N SER E 66 52.77 -11.84 6.04
CA SER E 66 54.17 -12.06 5.69
C SER E 66 54.65 -10.85 4.89
N GLU E 67 55.76 -10.25 5.33
CA GLU E 67 56.37 -9.10 4.67
C GLU E 67 55.28 -8.05 4.49
N ASN E 68 55.15 -7.40 3.33
CA ASN E 68 54.14 -6.37 3.05
C ASN E 68 52.85 -6.98 2.56
N THR E 69 52.44 -8.13 3.11
CA THR E 69 51.22 -8.79 2.65
C THR E 69 50.48 -9.38 3.84
N ALA E 70 49.16 -9.48 3.70
CA ALA E 70 48.27 -10.13 4.66
C ALA E 70 47.34 -11.04 3.89
N SER E 71 46.97 -12.17 4.50
CA SER E 71 46.25 -13.19 3.77
C SER E 71 45.08 -13.74 4.57
N LEU E 72 43.96 -13.96 3.87
CA LEU E 72 42.83 -14.73 4.34
C LEU E 72 42.81 -16.04 3.58
N THR E 73 42.72 -17.15 4.31
CA THR E 73 42.64 -18.47 3.69
C THR E 73 41.35 -19.16 4.11
N ILE E 74 40.72 -19.86 3.16
CA ILE E 74 39.55 -20.69 3.41
C ILE E 74 39.94 -22.14 3.13
N THR E 75 39.70 -23.02 4.10
CA THR E 75 40.11 -24.43 3.97
C THR E 75 39.05 -25.28 3.27
N GLY E 76 37.96 -25.58 3.97
CA GLY E 76 36.87 -26.38 3.42
C GLY E 76 35.91 -25.58 2.57
N ALA E 77 36.34 -25.21 1.37
CA ALA E 77 35.54 -24.36 0.50
C ALA E 77 34.15 -24.94 0.28
N GLN E 78 33.15 -24.09 0.46
CA GLN E 78 31.75 -24.45 0.30
C GLN E 78 31.09 -23.47 -0.67
N ALA E 79 29.84 -23.75 -1.03
CA ALA E 79 29.14 -22.88 -1.96
C ALA E 79 28.85 -21.51 -1.36
N GLU E 80 28.60 -21.45 -0.05
CA GLU E 80 28.27 -20.19 0.59
C GLU E 80 29.44 -19.21 0.62
N ASP E 81 30.64 -19.63 0.23
CA ASP E 81 31.81 -18.75 0.29
C ASP E 81 32.01 -17.95 -0.99
N GLU E 82 31.14 -18.10 -1.98
CA GLU E 82 31.19 -17.27 -3.18
C GLU E 82 30.74 -15.85 -2.82
N ALA E 83 31.69 -14.92 -2.78
CA ALA E 83 31.41 -13.56 -2.34
C ALA E 83 32.61 -12.67 -2.63
N ASP E 84 32.52 -11.42 -2.20
CA ASP E 84 33.62 -10.47 -2.25
C ASP E 84 34.29 -10.36 -0.88
N TYR E 85 35.61 -10.30 -0.89
CA TYR E 85 36.40 -10.23 0.34
C TYR E 85 37.29 -8.99 0.29
N TYR E 86 37.26 -8.20 1.37
CA TYR E 86 37.98 -6.95 1.44
C TYR E 86 38.94 -6.94 2.62
N CYS E 87 40.16 -6.47 2.38
CA CYS E 87 41.12 -6.17 3.44
C CYS E 87 40.97 -4.73 3.88
N HIS E 88 41.32 -4.46 5.13
CA HIS E 88 41.27 -3.13 5.71
C HIS E 88 42.43 -2.97 6.66
N SER E 89 43.11 -1.83 6.58
CA SER E 89 44.19 -1.54 7.51
C SER E 89 44.57 -0.07 7.37
N ARG E 90 45.60 0.33 8.12
CA ARG E 90 46.20 1.64 7.95
C ARG E 90 46.85 1.74 6.58
N ASP E 91 46.97 2.97 6.09
CA ASP E 91 47.79 3.27 4.92
C ASP E 91 49.13 3.83 5.40
N ASN E 92 49.88 4.43 4.49
CA ASN E 92 51.25 4.86 4.74
C ASN E 92 51.35 6.28 5.31
N ASN E 93 50.23 6.97 5.51
CA ASN E 93 50.30 8.36 5.96
C ASN E 93 50.80 8.46 7.40
N VAL E 94 51.57 9.53 7.67
CA VAL E 94 52.07 9.77 9.02
C VAL E 94 50.91 10.08 9.96
N PHE E 95 49.97 10.93 9.54
CA PHE E 95 48.73 11.08 10.27
C PHE E 95 47.91 9.82 10.08
N PRO E 96 47.20 9.35 11.12
CA PRO E 96 46.44 8.09 10.98
C PRO E 96 45.36 8.18 9.92
N ASN E 97 45.46 7.29 8.92
CA ASN E 97 44.44 7.13 7.91
C ASN E 97 44.32 5.66 7.54
N TRP E 98 43.13 5.26 7.09
CA TRP E 98 42.82 3.87 6.81
C TRP E 98 42.27 3.74 5.38
N VAL E 99 42.40 2.54 4.83
CA VAL E 99 41.91 2.25 3.48
C VAL E 99 41.42 0.82 3.42
N PHE E 100 40.47 0.57 2.51
CA PHE E 100 40.10 -0.78 2.13
C PHE E 100 40.91 -1.21 0.90
N GLY E 101 41.24 -2.49 0.84
CA GLY E 101 41.68 -3.08 -0.41
C GLY E 101 40.58 -3.02 -1.46
N GLY E 102 40.98 -3.29 -2.70
CA GLY E 102 40.04 -3.20 -3.81
C GLY E 102 38.97 -4.29 -3.82
N GLY E 103 39.19 -5.37 -3.10
CA GLY E 103 38.22 -6.45 -3.05
C GLY E 103 38.58 -7.58 -3.99
N THR E 104 38.17 -8.79 -3.61
CA THR E 104 38.39 -9.99 -4.42
C THR E 104 37.09 -10.76 -4.54
N LYS E 105 36.65 -11.00 -5.77
CA LYS E 105 35.53 -11.91 -6.01
C LYS E 105 36.04 -13.35 -6.01
N LEU E 106 35.48 -14.17 -5.13
CA LEU E 106 35.83 -15.58 -5.05
C LEU E 106 34.78 -16.39 -5.81
N THR E 107 35.25 -17.26 -6.71
CA THR E 107 34.40 -18.17 -7.45
C THR E 107 34.72 -19.59 -7.02
N VAL E 108 33.72 -20.30 -6.50
CA VAL E 108 33.88 -21.72 -6.15
C VAL E 108 33.42 -22.53 -7.36
N LEU E 109 34.35 -23.17 -8.03
CA LEU E 109 34.04 -23.94 -9.23
C LEU E 109 33.81 -25.41 -8.87
N GLY E 110 33.15 -26.12 -9.78
CA GLY E 110 32.92 -27.54 -9.60
C GLY E 110 31.68 -27.88 -8.82
N GLN E 111 30.67 -27.04 -8.86
CA GLN E 111 29.42 -27.34 -8.17
C GLN E 111 28.52 -28.17 -9.07
N PRO E 112 27.55 -28.88 -8.50
CA PRO E 112 26.66 -29.73 -9.32
C PRO E 112 25.97 -28.91 -10.40
N LYS E 113 26.21 -29.30 -11.66
CA LYS E 113 25.58 -28.61 -12.77
C LYS E 113 24.08 -28.83 -12.72
N ALA E 114 23.31 -27.75 -12.81
CA ALA E 114 21.86 -27.82 -12.72
C ALA E 114 21.24 -27.18 -13.95
N ALA E 115 20.13 -27.75 -14.40
CA ALA E 115 19.45 -27.25 -15.58
C ALA E 115 18.40 -26.22 -15.18
N PRO E 116 18.14 -25.25 -16.07
CA PRO E 116 17.24 -24.16 -15.70
C PRO E 116 15.76 -24.55 -15.72
N SER E 117 15.02 -24.03 -14.74
CA SER E 117 13.58 -24.10 -14.71
C SER E 117 13.00 -22.76 -15.18
N VAL E 118 12.12 -22.80 -16.18
CA VAL E 118 11.61 -21.61 -16.83
C VAL E 118 10.12 -21.49 -16.57
N THR E 119 9.69 -20.33 -16.09
CA THR E 119 8.29 -20.03 -15.84
C THR E 119 7.98 -18.66 -16.43
N LEU E 120 6.91 -18.59 -17.23
CA LEU E 120 6.54 -17.38 -17.96
C LEU E 120 5.16 -16.90 -17.53
N PHE E 121 5.09 -15.64 -17.11
CA PHE E 121 3.82 -15.05 -16.69
C PHE E 121 3.29 -14.13 -17.78
N PRO E 122 2.01 -14.21 -18.12
CA PRO E 122 1.41 -13.21 -19.03
C PRO E 122 1.13 -11.92 -18.29
N PRO E 123 0.74 -10.87 -19.00
CA PRO E 123 0.30 -9.65 -18.31
C PRO E 123 -0.93 -9.93 -17.44
N SER E 124 -0.98 -9.30 -16.27
CA SER E 124 -2.14 -9.42 -15.41
C SER E 124 -3.27 -8.55 -15.93
N SER E 125 -4.50 -8.95 -15.65
CA SER E 125 -5.65 -8.14 -16.01
C SER E 125 -5.53 -6.73 -15.43
N GLU E 126 -5.00 -6.63 -14.21
CA GLU E 126 -4.87 -5.32 -13.58
C GLU E 126 -3.90 -4.43 -14.35
N GLU E 127 -2.77 -4.98 -14.81
CA GLU E 127 -1.84 -4.16 -15.58
C GLU E 127 -2.47 -3.70 -16.89
N LEU E 128 -3.17 -4.60 -17.59
CA LEU E 128 -3.85 -4.21 -18.82
C LEU E 128 -4.84 -3.08 -18.56
N GLN E 129 -5.55 -3.13 -17.43
CA GLN E 129 -6.49 -2.06 -17.10
C GLN E 129 -5.79 -0.74 -16.88
N ALA E 130 -4.48 -0.76 -16.60
CA ALA E 130 -3.67 0.45 -16.51
C ALA E 130 -2.99 0.79 -17.84
N ASN E 131 -3.45 0.18 -18.93
CA ASN E 131 -2.94 0.44 -20.28
C ASN E 131 -1.47 0.06 -20.44
N LYS E 132 -1.04 -1.00 -19.75
CA LYS E 132 0.31 -1.52 -19.87
C LYS E 132 0.26 -3.03 -20.03
N ALA E 133 1.39 -3.61 -20.42
CA ALA E 133 1.48 -5.05 -20.63
C ALA E 133 2.92 -5.50 -20.53
N THR E 134 3.21 -6.42 -19.61
CA THR E 134 4.55 -6.91 -19.38
C THR E 134 4.50 -8.42 -19.24
N LEU E 135 5.24 -9.13 -20.09
CA LEU E 135 5.47 -10.55 -19.92
C LEU E 135 6.73 -10.74 -19.09
N VAL E 136 6.67 -11.67 -18.13
CA VAL E 136 7.75 -11.89 -17.19
C VAL E 136 8.22 -13.33 -17.32
N CYS E 137 9.50 -13.51 -17.64
CA CYS E 137 10.12 -14.82 -17.79
C CYS E 137 11.14 -14.96 -16.66
N LEU E 138 10.88 -15.90 -15.76
CA LEU E 138 11.74 -16.15 -14.59
C LEU E 138 12.48 -17.45 -14.80
N ILE E 139 13.79 -17.44 -14.56
CA ILE E 139 14.69 -18.55 -14.83
C ILE E 139 15.39 -18.90 -13.53
N SER E 140 15.30 -20.15 -13.10
CA SER E 140 15.75 -20.52 -11.77
C SER E 140 16.45 -21.87 -11.78
N ASP E 141 17.32 -22.04 -10.77
CA ASP E 141 17.93 -23.34 -10.43
C ASP E 141 18.87 -23.84 -11.51
N PHE E 142 19.69 -22.96 -12.06
CA PHE E 142 20.72 -23.37 -13.01
C PHE E 142 22.10 -23.04 -12.46
N TYR E 143 23.04 -23.97 -12.67
CA TYR E 143 24.44 -23.72 -12.39
C TYR E 143 25.23 -24.27 -13.56
N PRO E 144 26.27 -23.57 -14.05
CA PRO E 144 26.73 -22.22 -13.69
C PRO E 144 25.75 -21.12 -14.05
N GLY E 145 26.03 -19.91 -13.55
CA GLY E 145 25.13 -18.78 -13.63
C GLY E 145 25.26 -17.98 -14.92
N ALA E 146 25.17 -18.65 -16.07
CA ALA E 146 25.24 -17.98 -17.36
C ALA E 146 24.11 -18.51 -18.22
N VAL E 147 23.31 -17.59 -18.75
CA VAL E 147 22.14 -17.91 -19.57
C VAL E 147 22.00 -16.90 -20.70
N THR E 148 21.36 -17.34 -21.77
CA THR E 148 20.97 -16.51 -22.90
C THR E 148 19.46 -16.62 -23.06
N VAL E 149 18.79 -15.49 -23.27
CA VAL E 149 17.34 -15.46 -23.39
C VAL E 149 16.95 -14.89 -24.75
N ALA E 150 15.87 -15.43 -25.32
CA ALA E 150 15.36 -14.97 -26.62
C ALA E 150 13.85 -14.98 -26.57
N TRP E 151 13.24 -13.90 -27.04
CA TRP E 151 11.79 -13.77 -27.04
C TRP E 151 11.24 -13.92 -28.45
N LYS E 152 9.99 -14.34 -28.54
CA LYS E 152 9.41 -14.61 -29.84
C LYS E 152 7.91 -14.35 -29.78
N ALA E 153 7.39 -13.65 -30.78
CA ALA E 153 5.97 -13.37 -30.90
C ALA E 153 5.45 -14.08 -32.14
N ASP E 154 4.57 -15.06 -31.94
CA ASP E 154 4.05 -15.87 -33.04
C ASP E 154 5.19 -16.50 -33.83
N SER E 155 6.18 -17.03 -33.13
CA SER E 155 7.33 -17.72 -33.69
C SER E 155 8.25 -16.79 -34.47
N SER E 156 8.08 -15.46 -34.35
CA SER E 156 8.97 -14.49 -34.99
C SER E 156 9.77 -13.79 -33.92
N PRO E 157 11.07 -13.55 -34.14
CA PRO E 157 11.89 -13.01 -33.05
C PRO E 157 11.45 -11.60 -32.65
N VAL E 158 11.90 -11.20 -31.45
CA VAL E 158 11.59 -9.90 -30.87
C VAL E 158 12.77 -9.51 -30.00
N LYS E 159 13.39 -8.36 -30.28
CA LYS E 159 14.42 -7.80 -29.43
C LYS E 159 14.08 -6.43 -28.89
N ALA E 160 13.13 -5.73 -29.53
CA ALA E 160 12.67 -4.43 -29.05
C ALA E 160 11.77 -4.64 -27.84
N GLY E 161 12.10 -4.00 -26.73
CA GLY E 161 11.28 -4.05 -25.55
C GLY E 161 11.70 -5.10 -24.54
N VAL E 162 12.81 -5.77 -24.79
CA VAL E 162 13.31 -6.84 -23.94
C VAL E 162 14.31 -6.25 -22.95
N GLU E 163 14.22 -6.70 -21.71
CA GLU E 163 15.20 -6.35 -20.69
C GLU E 163 15.46 -7.59 -19.85
N THR E 164 16.72 -7.86 -19.57
CA THR E 164 17.12 -9.10 -18.90
C THR E 164 18.15 -8.80 -17.84
N THR E 165 18.06 -9.52 -16.72
CA THR E 165 18.94 -9.29 -15.59
C THR E 165 20.08 -10.29 -15.60
N THR E 166 21.16 -9.94 -14.92
CA THR E 166 22.28 -10.87 -14.89
C THR E 166 22.05 -11.87 -13.77
N PRO E 167 22.40 -13.15 -13.96
CA PRO E 167 22.07 -14.15 -12.94
C PRO E 167 22.66 -13.79 -11.59
N SER E 168 21.98 -14.24 -10.53
CA SER E 168 22.43 -14.04 -9.17
C SER E 168 22.03 -15.26 -8.35
N LYS E 169 22.63 -15.39 -7.17
CA LYS E 169 22.45 -16.58 -6.36
C LYS E 169 21.14 -16.52 -5.58
N GLN E 170 20.50 -17.67 -5.45
CA GLN E 170 19.29 -17.79 -4.65
C GLN E 170 19.68 -18.29 -3.26
N SER E 171 18.67 -18.55 -2.43
CA SER E 171 18.94 -19.05 -1.08
C SER E 171 19.42 -20.49 -1.06
N ASN E 172 19.51 -21.15 -2.22
CA ASN E 172 19.95 -22.54 -2.30
C ASN E 172 21.31 -22.70 -2.97
N ASN E 173 22.01 -21.59 -3.23
CA ASN E 173 23.33 -21.52 -3.84
C ASN E 173 23.30 -21.75 -5.34
N LYS E 174 22.14 -22.00 -5.95
CA LYS E 174 22.03 -21.98 -7.40
C LYS E 174 21.64 -20.58 -7.85
N TYR E 175 21.66 -20.37 -9.17
CA TYR E 175 21.41 -19.05 -9.74
C TYR E 175 20.00 -18.94 -10.32
N ALA E 176 19.63 -17.70 -10.63
CA ALA E 176 18.32 -17.36 -11.14
C ALA E 176 18.45 -16.06 -11.92
N ALA E 177 17.60 -15.89 -12.91
CA ALA E 177 17.58 -14.67 -13.70
C ALA E 177 16.15 -14.41 -14.15
N SER E 178 15.94 -13.24 -14.75
CA SER E 178 14.62 -12.79 -15.15
C SER E 178 14.74 -11.97 -16.42
N SER E 179 13.69 -11.99 -17.23
CA SER E 179 13.65 -11.23 -18.48
C SER E 179 12.24 -10.71 -18.68
N TYR E 180 12.15 -9.55 -19.31
CA TYR E 180 10.87 -8.85 -19.47
C TYR E 180 10.64 -8.49 -20.92
N LEU E 181 9.39 -8.55 -21.35
CA LEU E 181 8.98 -8.04 -22.65
C LEU E 181 7.84 -7.06 -22.42
N SER E 182 8.08 -5.78 -22.74
CA SER E 182 7.09 -4.73 -22.60
C SER E 182 6.38 -4.53 -23.93
N LEU E 183 5.05 -4.46 -23.86
CA LEU E 183 4.23 -4.31 -25.04
C LEU E 183 3.07 -3.39 -24.67
N THR E 184 2.26 -3.08 -25.66
CA THR E 184 1.04 -2.37 -25.36
C THR E 184 -0.10 -3.38 -25.30
N PRO E 185 -1.21 -3.03 -24.66
CA PRO E 185 -2.32 -4.00 -24.58
C PRO E 185 -2.78 -4.46 -25.96
N GLU E 186 -2.84 -3.53 -26.92
CA GLU E 186 -3.26 -3.92 -28.27
C GLU E 186 -2.27 -4.89 -28.91
N GLN E 187 -0.97 -4.68 -28.70
CA GLN E 187 0.02 -5.65 -29.16
C GLN E 187 -0.18 -7.00 -28.48
N TRP E 188 -0.32 -7.00 -27.16
CA TRP E 188 -0.53 -8.24 -26.42
C TRP E 188 -1.70 -9.03 -26.99
N LYS E 189 -2.82 -8.35 -27.25
CA LYS E 189 -3.98 -9.08 -27.76
C LYS E 189 -3.90 -9.32 -29.26
N SER E 190 -2.86 -8.85 -29.93
CA SER E 190 -2.77 -8.97 -31.38
C SER E 190 -1.94 -10.15 -31.85
N HIS E 191 -1.38 -10.92 -30.93
CA HIS E 191 -0.65 -12.13 -31.28
C HIS E 191 -1.32 -13.34 -30.64
N ARG E 192 -1.22 -14.47 -31.32
CA ARG E 192 -1.83 -15.70 -30.81
C ARG E 192 -0.97 -16.37 -29.75
N SER E 193 0.32 -16.06 -29.68
CA SER E 193 1.18 -16.68 -28.68
C SER E 193 2.48 -15.90 -28.55
N TYR E 194 3.11 -16.06 -27.38
CA TYR E 194 4.45 -15.57 -27.11
C TYR E 194 5.30 -16.67 -26.50
N SER E 195 6.62 -16.58 -26.69
CA SER E 195 7.53 -17.58 -26.18
C SER E 195 8.77 -16.93 -25.58
N CYS E 196 9.23 -17.49 -24.46
CA CYS E 196 10.50 -17.16 -23.85
C CYS E 196 11.41 -18.38 -24.03
N GLN E 197 12.55 -18.18 -24.66
CA GLN E 197 13.47 -19.27 -25.00
C GLN E 197 14.79 -19.06 -24.26
N VAL E 198 15.18 -19.98 -23.43
CA VAL E 198 16.37 -19.87 -22.58
C VAL E 198 17.37 -20.93 -22.99
N THR E 199 18.63 -20.52 -23.16
CA THR E 199 19.71 -21.41 -23.56
C THR E 199 20.78 -21.41 -22.47
N HIS E 200 20.99 -22.58 -21.87
CA HIS E 200 21.97 -22.74 -20.80
C HIS E 200 22.93 -23.85 -21.16
N GLU E 201 24.18 -23.49 -21.43
CA GLU E 201 25.25 -24.43 -21.76
C GLU E 201 24.82 -25.37 -22.88
N GLY E 202 24.50 -24.78 -24.03
CA GLY E 202 24.11 -25.54 -25.19
C GLY E 202 22.70 -26.07 -25.19
N SER E 203 22.06 -26.18 -24.01
CA SER E 203 20.70 -26.67 -23.92
C SER E 203 19.73 -25.50 -24.02
N THR E 204 18.62 -25.71 -24.73
CA THR E 204 17.59 -24.69 -24.84
C THR E 204 16.23 -25.26 -24.41
N VAL E 205 15.47 -24.45 -23.69
CA VAL E 205 14.12 -24.77 -23.24
C VAL E 205 13.23 -23.57 -23.55
N GLU E 206 11.94 -23.83 -23.75
CA GLU E 206 10.99 -22.82 -24.19
C GLU E 206 9.71 -22.92 -23.38
N LYS E 207 9.18 -21.76 -22.98
CA LYS E 207 7.84 -21.67 -22.44
C LYS E 207 7.03 -20.67 -23.26
N THR E 208 5.73 -20.90 -23.36
CA THR E 208 4.85 -20.09 -24.20
C THR E 208 3.57 -19.74 -23.46
N VAL E 209 3.06 -18.54 -23.74
CA VAL E 209 1.77 -18.09 -23.22
C VAL E 209 0.95 -17.54 -24.39
N ALA E 210 -0.37 -17.48 -24.18
CA ALA E 210 -1.28 -16.95 -25.18
C ALA E 210 -2.37 -16.16 -24.48
N PRO E 211 -2.80 -15.03 -25.06
CA PRO E 211 -3.85 -14.23 -24.40
C PRO E 211 -5.19 -14.94 -24.29
N THR E 212 -5.37 -16.10 -24.90
CA THR E 212 -6.60 -16.86 -24.75
C THR E 212 -6.54 -17.74 -23.50
N LYS F 3 39.72 5.74 30.41
CA LYS F 3 39.63 4.33 30.05
C LYS F 3 38.68 4.15 28.87
N ASN F 4 38.27 5.25 28.24
CA ASN F 4 37.52 5.15 27.00
C ASN F 4 38.45 4.67 25.89
N GLU F 5 38.02 3.62 25.19
CA GLU F 5 38.81 3.04 24.10
C GLU F 5 39.22 4.08 23.09
N GLN F 6 38.39 5.10 22.85
CA GLN F 6 38.69 6.05 21.80
C GLN F 6 39.89 6.93 22.13
N GLU F 7 40.32 6.99 23.39
CA GLU F 7 41.54 7.72 23.73
C GLU F 7 42.74 7.15 23.00
N LEU F 8 42.72 5.86 22.66
CA LEU F 8 43.82 5.26 21.94
C LEU F 8 44.02 5.91 20.57
N LEU F 9 42.94 6.33 19.92
CA LEU F 9 43.07 6.97 18.61
C LEU F 9 43.80 8.30 18.71
N GLU F 10 43.65 9.02 19.82
CA GLU F 10 44.46 10.22 20.03
C GLU F 10 45.93 9.88 20.26
N LEU F 11 46.21 8.88 21.08
CA LEU F 11 47.59 8.44 21.27
C LEU F 11 48.19 7.99 19.95
N ASP F 12 47.39 7.35 19.10
CA ASP F 12 47.84 6.86 17.81
C ASP F 12 48.49 7.96 16.99
N LYS F 13 47.97 9.18 17.06
CA LYS F 13 48.55 10.28 16.29
C LYS F 13 50.00 10.55 16.73
N TRP F 14 50.24 10.59 18.04
CA TRP F 14 51.60 10.86 18.51
C TRP F 14 52.51 9.66 18.24
N ALA F 15 52.02 8.45 18.45
CA ALA F 15 52.84 7.27 18.19
C ALA F 15 53.19 7.15 16.72
N SER F 16 52.26 7.49 15.83
CA SER F 16 52.51 7.38 14.41
C SER F 16 53.57 8.39 13.94
N LEU F 17 53.59 9.58 14.54
CA LEU F 17 54.64 10.54 14.22
C LEU F 17 55.99 10.00 14.65
N TRP F 18 56.07 9.44 15.85
CA TRP F 18 57.34 8.91 16.34
C TRP F 18 57.75 7.66 15.58
N ASN F 19 56.77 6.82 15.23
CA ASN F 19 57.05 5.64 14.40
C ASN F 19 57.69 6.06 13.09
N TRP F 20 57.14 7.09 12.44
CA TRP F 20 57.70 7.53 11.18
C TRP F 20 59.16 7.94 11.33
N PHE F 21 59.46 8.71 12.38
CA PHE F 21 60.82 9.19 12.56
C PHE F 21 61.78 8.02 12.80
N ASP F 22 61.39 7.09 13.67
CA ASP F 22 62.28 6.00 14.04
C ASP F 22 62.56 5.07 12.86
N ILE F 23 61.55 4.76 12.06
CA ILE F 23 61.74 3.85 10.95
C ILE F 23 62.58 4.51 9.86
N THR F 24 62.34 5.80 9.61
CA THR F 24 63.06 6.50 8.54
C THR F 24 64.52 6.69 8.92
N ASN F 25 64.80 7.00 10.18
CA ASN F 25 66.20 7.08 10.61
C ASN F 25 66.86 5.71 10.58
N TRP F 26 66.12 4.66 10.97
CA TRP F 26 66.71 3.32 11.02
C TRP F 26 66.96 2.76 9.63
N LEU F 27 65.95 2.82 8.74
CA LEU F 27 66.13 2.29 7.40
C LEU F 27 67.18 3.05 6.61
N TRP F 28 67.31 4.35 6.85
CA TRP F 28 68.32 5.15 6.18
C TRP F 28 69.72 4.84 6.71
N TYR F 29 69.82 4.52 7.99
CA TYR F 29 71.12 4.23 8.59
C TYR F 29 71.64 2.86 8.15
N ILE F 30 70.77 1.84 8.16
CA ILE F 30 71.23 0.48 7.89
C ILE F 30 71.30 0.15 6.41
N ARG F 31 70.88 1.07 5.54
CA ARG F 31 70.87 0.82 4.10
C ARG F 31 71.80 1.79 3.38
NA NA G . -39.73 -17.25 4.15
NA NA H . -19.23 -10.69 -0.37
NA NA I . -14.92 -10.05 -6.59
NA NA J . -49.82 6.09 -2.52
NA NA K . -15.60 15.36 -3.51
NA NA L . 1.27 23.16 -23.19
F F M . -51.83 -10.04 8.08
NA NA N . 16.21 -3.05 -5.30
NA NA O . 55.09 2.71 11.32
NA NA P . 35.94 -15.04 -9.22
NA NA Q . -2.87 -0.29 -26.55
#